data_7T1H
#
_entry.id   7T1H
#
_cell.length_a   51.140
_cell.length_b   52.770
_cell.length_c   70.570
_cell.angle_alpha   71.260
_cell.angle_beta   85.820
_cell.angle_gamma   64.460
#
_symmetry.space_group_name_H-M   'P 1'
#
loop_
_entity.id
_entity.type
_entity.pdbx_description
1 polymer 'Pantothenate kinase CAB1'
2 non-polymer (8R)-2-{[(4-tert-butylphenyl)methyl]amino}-5-[(morpholin-4-yl)methyl][1,2,4]triazolo[1,5-a]pyrimidin-7(4H)-one
3 non-polymer GLYCEROL
4 water water
#
_entity_poly.entity_id   1
_entity_poly.type   'polypeptide(L)'
_entity_poly.pdbx_seq_one_letter_code
;MAHHHHHHMPRITQEISYNCDYGDNTFNLAIDIGGTLAKVVFSPIHSNRLMFYTIETEKIDKFMELLHSIIKEHNNGCYR
MTHIIATGGGAFKFYDLLYENFPQIKGISRFEEMEGLIHGLDFFIHEIPDEVFTYNDQDGERIIPTSSGTMDSKAIYPYL
LVNIGSGVSILKVTEPNNFSRVGGSSLGGGTLWGLLSLITGAQTYDQMLDWAQEGDNSSVDMLVGDIYGTDYNKIGLKSS
AIASSFGKVFQNRMTSNKSLENNENKLYSSHESIEKNNGQMFKNPDICKSLLFAISNNIGQIAYLQAKINNIQNIYFGGS
YTRGHLTTMNTLSYAINFWSQGSKQAFFLKHEGYLGAMGAFLSASRHSSTKKTST
;
_entity_poly.pdbx_strand_id   A,B
#
# COMPACT_ATOMS: atom_id res chain seq x y z
N GLN A 14 -23.68 -9.37 19.78
CA GLN A 14 -24.33 -8.21 19.15
C GLN A 14 -25.69 -8.68 18.62
N GLU A 15 -26.73 -7.84 18.75
CA GLU A 15 -28.06 -8.17 18.19
C GLU A 15 -28.77 -6.88 17.80
N ILE A 16 -29.71 -6.99 16.87
CA ILE A 16 -30.54 -5.92 16.28
C ILE A 16 -31.99 -6.41 16.34
N SER A 17 -32.91 -5.51 16.70
CA SER A 17 -34.38 -5.68 16.60
C SER A 17 -34.79 -5.52 15.13
N TYR A 18 -35.42 -6.52 14.54
CA TYR A 18 -35.94 -6.45 13.16
C TYR A 18 -37.06 -7.48 13.00
N ASN A 19 -38.23 -7.05 12.53
CA ASN A 19 -39.41 -7.93 12.33
C ASN A 19 -39.14 -8.76 11.07
N CYS A 20 -38.63 -9.97 11.25
CA CYS A 20 -38.21 -10.89 10.17
C CYS A 20 -39.45 -11.61 9.63
N ASP A 21 -39.36 -12.05 8.38
CA ASP A 21 -40.37 -12.94 7.74
C ASP A 21 -39.88 -14.37 7.96
N TYR A 22 -40.50 -15.11 8.87
CA TYR A 22 -40.08 -16.49 9.25
C TYR A 22 -40.65 -17.51 8.27
N GLY A 23 -41.55 -17.11 7.37
CA GLY A 23 -42.06 -17.99 6.29
C GLY A 23 -42.41 -19.36 6.85
N ASP A 24 -41.79 -20.42 6.32
CA ASP A 24 -42.07 -21.85 6.67
C ASP A 24 -41.33 -22.25 7.96
N ASN A 25 -40.70 -21.29 8.65
CA ASN A 25 -40.06 -21.47 9.97
C ASN A 25 -38.70 -22.18 9.82
N THR A 26 -38.21 -22.34 8.59
CA THR A 26 -36.82 -22.74 8.31
C THR A 26 -35.88 -21.80 9.07
N PHE A 27 -34.97 -22.36 9.88
CA PHE A 27 -33.96 -21.61 10.65
C PHE A 27 -32.76 -21.35 9.73
N ASN A 28 -32.58 -20.11 9.30
CA ASN A 28 -31.56 -19.71 8.28
C ASN A 28 -30.28 -19.26 9.00
N LEU A 29 -29.21 -19.99 8.79
CA LEU A 29 -27.91 -19.75 9.47
C LEU A 29 -26.92 -19.33 8.38
N ALA A 30 -26.68 -18.03 8.25
CA ALA A 30 -25.86 -17.47 7.17
C ALA A 30 -24.43 -17.43 7.67
N ILE A 31 -23.48 -17.92 6.88
CA ILE A 31 -22.03 -17.88 7.23
C ILE A 31 -21.22 -17.22 6.12
N ASP A 32 -20.50 -16.14 6.44
CA ASP A 32 -19.52 -15.53 5.50
C ASP A 32 -18.16 -16.09 5.90
N ILE A 33 -17.58 -16.95 5.08
CA ILE A 33 -16.27 -17.57 5.39
C ILE A 33 -15.20 -16.82 4.60
N GLY A 34 -14.34 -16.09 5.31
CA GLY A 34 -13.28 -15.29 4.65
C GLY A 34 -11.95 -16.00 4.62
N GLY A 35 -10.87 -15.22 4.55
CA GLY A 35 -9.50 -15.76 4.67
C GLY A 35 -9.26 -16.36 6.05
N THR A 36 -9.61 -15.64 7.13
CA THR A 36 -9.27 -15.93 8.54
CA THR A 36 -9.28 -16.06 8.52
C THR A 36 -10.53 -16.07 9.42
N LEU A 37 -11.62 -15.44 9.03
CA LEU A 37 -12.79 -15.26 9.92
C LEU A 37 -14.05 -15.82 9.25
N ALA A 38 -14.93 -16.43 10.04
CA ALA A 38 -16.32 -16.79 9.68
C ALA A 38 -17.25 -15.83 10.42
N LYS A 39 -18.16 -15.16 9.69
CA LYS A 39 -19.10 -14.18 10.29
C LYS A 39 -20.50 -14.78 10.12
N VAL A 40 -21.24 -14.90 11.21
CA VAL A 40 -22.51 -15.68 11.26
CA VAL A 40 -22.52 -15.67 11.22
C VAL A 40 -23.65 -14.70 11.57
N VAL A 41 -24.76 -14.85 10.86
CA VAL A 41 -26.03 -14.09 11.05
C VAL A 41 -27.17 -15.14 11.07
N PHE A 42 -28.03 -15.04 12.05
CA PHE A 42 -29.23 -15.90 12.18
C PHE A 42 -30.29 -15.13 12.97
N SER A 43 -31.53 -15.63 12.93
CA SER A 43 -32.62 -15.11 13.77
C SER A 43 -33.43 -16.29 14.27
N PRO A 44 -33.41 -16.55 15.59
CA PRO A 44 -34.28 -17.56 16.18
C PRO A 44 -35.73 -17.28 15.76
N ILE A 45 -36.48 -18.35 15.44
CA ILE A 45 -37.88 -18.25 14.91
C ILE A 45 -38.74 -17.40 15.86
N HIS A 46 -39.41 -16.39 15.31
CA HIS A 46 -40.35 -15.44 15.96
C HIS A 46 -39.63 -14.53 16.97
N SER A 47 -38.30 -14.49 17.00
CA SER A 47 -37.54 -13.61 17.93
C SER A 47 -37.66 -12.14 17.49
N ASN A 48 -37.77 -11.89 16.19
CA ASN A 48 -37.55 -10.55 15.60
C ASN A 48 -36.22 -10.02 16.13
N ARG A 49 -35.22 -10.89 16.27
CA ARG A 49 -33.83 -10.47 16.62
C ARG A 49 -32.86 -11.02 15.55
N LEU A 50 -32.04 -10.15 14.95
CA LEU A 50 -30.87 -10.57 14.14
C LEU A 50 -29.67 -10.69 15.07
N MET A 51 -29.03 -11.85 15.06
CA MET A 51 -27.92 -12.14 15.98
C MET A 51 -26.66 -12.39 15.16
N PHE A 52 -25.52 -11.98 15.71
CA PHE A 52 -24.22 -11.85 15.00
C PHE A 52 -23.13 -12.49 15.84
N TYR A 53 -22.30 -13.32 15.23
CA TYR A 53 -21.11 -13.88 15.90
C TYR A 53 -19.98 -14.01 14.89
N THR A 54 -18.74 -13.79 15.32
CA THR A 54 -17.52 -13.98 14.50
C THR A 54 -16.65 -15.06 15.17
N ILE A 55 -16.06 -15.94 14.36
CA ILE A 55 -15.13 -17.01 14.85
C ILE A 55 -14.02 -17.19 13.83
N GLU A 56 -12.79 -17.43 14.30
CA GLU A 56 -11.64 -17.82 13.43
C GLU A 56 -11.98 -19.15 12.76
N THR A 57 -11.46 -19.37 11.56
CA THR A 57 -11.66 -20.63 10.79
C THR A 57 -10.42 -21.51 10.94
N GLU A 58 -9.42 -21.07 11.72
CA GLU A 58 -8.09 -21.74 11.86
C GLU A 58 -8.30 -23.10 12.53
N LYS A 59 -9.14 -23.14 13.56
CA LYS A 59 -9.46 -24.37 14.32
C LYS A 59 -10.86 -24.83 13.89
N ILE A 60 -10.91 -25.81 12.99
CA ILE A 60 -12.17 -26.32 12.40
C ILE A 60 -13.10 -26.82 13.51
N ASP A 61 -12.61 -27.66 14.43
CA ASP A 61 -13.49 -28.20 15.50
C ASP A 61 -14.25 -27.06 16.18
N LYS A 62 -13.61 -25.93 16.48
CA LYS A 62 -14.21 -24.83 17.28
C LYS A 62 -15.22 -24.05 16.43
N PHE A 63 -14.93 -23.87 15.15
CA PHE A 63 -15.86 -23.23 14.18
C PHE A 63 -17.13 -24.11 14.02
N MET A 64 -16.95 -25.41 13.81
CA MET A 64 -18.10 -26.33 13.63
C MET A 64 -18.89 -26.43 14.93
N GLU A 65 -18.20 -26.38 16.06
CA GLU A 65 -18.84 -26.45 17.40
C GLU A 65 -19.77 -25.24 17.57
N LEU A 66 -19.36 -24.04 17.12
CA LEU A 66 -20.18 -22.82 17.28
C LEU A 66 -21.51 -23.01 16.55
N LEU A 67 -21.45 -23.50 15.31
CA LEU A 67 -22.65 -23.70 14.47
C LEU A 67 -23.58 -24.67 15.17
N HIS A 68 -23.04 -25.79 15.69
CA HIS A 68 -23.80 -26.79 16.48
C HIS A 68 -24.46 -26.11 17.66
N SER A 69 -23.70 -25.30 18.43
CA SER A 69 -24.21 -24.58 19.63
C SER A 69 -25.33 -23.62 19.24
N ILE A 70 -25.19 -22.94 18.11
CA ILE A 70 -26.25 -22.00 17.67
C ILE A 70 -27.54 -22.80 17.41
N ILE A 71 -27.46 -23.92 16.69
CA ILE A 71 -28.65 -24.76 16.35
C ILE A 71 -29.28 -25.31 17.65
N LYS A 72 -28.46 -25.72 18.62
CA LYS A 72 -28.92 -26.33 19.91
C LYS A 72 -29.65 -25.28 20.76
N GLU A 73 -29.03 -24.11 20.98
CA GLU A 73 -29.54 -23.06 21.91
C GLU A 73 -30.62 -22.22 21.24
N HIS A 74 -30.54 -21.97 19.93
CA HIS A 74 -31.40 -20.94 19.28
C HIS A 74 -32.40 -21.56 18.34
N ASN A 75 -32.26 -22.84 17.98
CA ASN A 75 -33.29 -23.56 17.17
C ASN A 75 -33.68 -24.88 17.82
N ASN A 76 -33.58 -24.96 19.15
CA ASN A 76 -34.01 -26.16 19.91
C ASN A 76 -33.39 -27.44 19.36
N GLY A 77 -32.17 -27.40 18.81
CA GLY A 77 -31.46 -28.56 18.27
C GLY A 77 -32.09 -29.10 16.99
N CYS A 78 -32.94 -28.31 16.30
CA CYS A 78 -33.70 -28.82 15.14
C CYS A 78 -32.87 -28.65 13.86
N TYR A 79 -32.04 -29.64 13.58
CA TYR A 79 -31.17 -29.76 12.37
C TYR A 79 -32.04 -29.85 11.12
N ARG A 80 -33.15 -30.58 11.19
CA ARG A 80 -33.95 -30.90 9.97
C ARG A 80 -34.67 -29.66 9.43
N MET A 81 -34.84 -28.60 10.24
CA MET A 81 -35.40 -27.30 9.77
C MET A 81 -34.29 -26.24 9.68
N THR A 82 -33.00 -26.58 9.79
CA THR A 82 -31.90 -25.59 9.63
C THR A 82 -31.42 -25.58 8.18
N HIS A 83 -31.36 -24.38 7.60
CA HIS A 83 -30.69 -24.13 6.30
C HIS A 83 -29.41 -23.31 6.57
N ILE A 84 -28.27 -23.83 6.14
CA ILE A 84 -27.00 -23.05 6.16
C ILE A 84 -26.82 -22.45 4.76
N ILE A 85 -26.60 -21.16 4.69
CA ILE A 85 -26.22 -20.48 3.41
C ILE A 85 -24.79 -19.97 3.62
N ALA A 86 -23.86 -20.40 2.78
CA ALA A 86 -22.43 -20.02 2.91
C ALA A 86 -22.09 -18.98 1.85
N THR A 87 -21.30 -17.97 2.24
CA THR A 87 -20.83 -16.90 1.32
C THR A 87 -19.39 -16.59 1.70
N GLY A 88 -18.78 -15.62 1.03
CA GLY A 88 -17.34 -15.35 1.09
C GLY A 88 -16.55 -16.24 0.16
N GLY A 89 -15.34 -15.84 -0.18
CA GLY A 89 -14.42 -16.64 -1.00
C GLY A 89 -14.35 -18.08 -0.52
N GLY A 90 -14.48 -18.32 0.79
CA GLY A 90 -14.34 -19.62 1.45
C GLY A 90 -15.56 -20.52 1.35
N ALA A 91 -16.67 -20.06 0.76
CA ALA A 91 -17.93 -20.83 0.62
C ALA A 91 -17.67 -22.12 -0.17
N PHE A 92 -16.75 -22.07 -1.14
CA PHE A 92 -16.40 -23.21 -2.03
C PHE A 92 -15.51 -24.18 -1.25
N LYS A 93 -14.46 -23.67 -0.60
CA LYS A 93 -13.40 -24.48 0.04
C LYS A 93 -13.98 -25.29 1.21
N PHE A 94 -14.95 -24.76 1.99
CA PHE A 94 -15.48 -25.44 3.20
C PHE A 94 -16.87 -26.05 2.99
N TYR A 95 -17.37 -26.11 1.75
CA TYR A 95 -18.72 -26.67 1.46
C TYR A 95 -18.77 -28.11 1.98
N ASP A 96 -17.73 -28.89 1.68
CA ASP A 96 -17.61 -30.33 2.02
C ASP A 96 -17.45 -30.49 3.54
N LEU A 97 -16.64 -29.67 4.18
CA LEU A 97 -16.54 -29.66 5.67
C LEU A 97 -17.97 -29.46 6.20
N LEU A 98 -18.73 -28.52 5.65
CA LEU A 98 -20.10 -28.25 6.18
C LEU A 98 -20.99 -29.47 5.95
N TYR A 99 -20.96 -30.07 4.77
CA TYR A 99 -21.74 -31.30 4.43
C TYR A 99 -21.40 -32.41 5.43
N GLU A 100 -20.12 -32.65 5.73
CA GLU A 100 -19.74 -33.77 6.61
C GLU A 100 -20.13 -33.46 8.06
N ASN A 101 -20.10 -32.18 8.45
CA ASN A 101 -20.43 -31.80 9.86
C ASN A 101 -21.94 -31.71 10.08
N PHE A 102 -22.77 -31.62 9.03
CA PHE A 102 -24.23 -31.35 9.16
C PHE A 102 -24.97 -32.27 8.20
N PRO A 103 -24.87 -33.61 8.36
CA PRO A 103 -25.55 -34.53 7.44
C PRO A 103 -27.09 -34.50 7.62
N GLN A 104 -27.57 -34.18 8.83
CA GLN A 104 -29.02 -34.17 9.17
C GLN A 104 -29.75 -32.89 8.72
N ILE A 105 -29.14 -31.91 8.06
CA ILE A 105 -29.82 -30.58 8.01
C ILE A 105 -30.74 -30.46 6.81
N LYS A 106 -31.61 -29.45 6.83
CA LYS A 106 -32.62 -29.21 5.78
C LYS A 106 -31.89 -28.95 4.46
N GLY A 107 -30.83 -28.15 4.47
CA GLY A 107 -30.03 -27.88 3.26
C GLY A 107 -28.87 -26.93 3.50
N ILE A 108 -27.92 -26.96 2.57
CA ILE A 108 -26.73 -26.07 2.48
C ILE A 108 -26.76 -25.50 1.06
N SER A 109 -26.77 -24.17 0.93
CA SER A 109 -26.61 -23.45 -0.35
C SER A 109 -25.44 -22.47 -0.25
N ARG A 110 -25.08 -21.87 -1.38
CA ARG A 110 -24.01 -20.87 -1.51
C ARG A 110 -24.66 -19.59 -2.01
N PHE A 111 -24.11 -18.45 -1.60
CA PHE A 111 -24.48 -17.13 -2.16
C PHE A 111 -23.22 -16.40 -2.61
N GLU A 112 -23.30 -15.82 -3.80
CA GLU A 112 -22.17 -15.13 -4.47
C GLU A 112 -21.67 -14.00 -3.54
N GLU A 113 -20.37 -13.86 -3.43
CA GLU A 113 -19.69 -12.97 -2.46
C GLU A 113 -20.12 -11.50 -2.66
N MET A 114 -20.05 -10.98 -3.87
CA MET A 114 -20.27 -9.51 -4.09
C MET A 114 -21.76 -9.18 -3.86
N GLU A 115 -22.66 -10.00 -4.40
CA GLU A 115 -24.13 -9.89 -4.19
C GLU A 115 -24.46 -9.95 -2.69
N GLY A 116 -23.81 -10.84 -1.97
CA GLY A 116 -23.97 -10.94 -0.52
C GLY A 116 -23.60 -9.62 0.12
N LEU A 117 -22.41 -9.11 -0.17
CA LEU A 117 -21.87 -7.87 0.44
C LEU A 117 -22.86 -6.73 0.16
N ILE A 118 -23.32 -6.59 -1.10
CA ILE A 118 -24.12 -5.39 -1.49
C ILE A 118 -25.55 -5.57 -0.97
N HIS A 119 -26.07 -6.79 -0.95
CA HIS A 119 -27.43 -7.00 -0.39
C HIS A 119 -27.38 -6.66 1.08
N GLY A 120 -26.34 -7.11 1.77
CA GLY A 120 -26.17 -6.86 3.21
C GLY A 120 -26.05 -5.38 3.51
N LEU A 121 -25.14 -4.67 2.82
CA LEU A 121 -24.87 -3.24 3.08
C LEU A 121 -26.12 -2.39 2.79
N ASP A 122 -26.72 -2.63 1.63
CA ASP A 122 -27.96 -1.92 1.20
C ASP A 122 -29.04 -2.15 2.25
N PHE A 123 -29.19 -3.37 2.77
CA PHE A 123 -30.16 -3.63 3.87
C PHE A 123 -29.81 -2.77 5.10
N PHE A 124 -28.56 -2.81 5.54
CA PHE A 124 -28.10 -2.00 6.70
C PHE A 124 -28.40 -0.51 6.46
N ILE A 125 -28.02 0.01 5.28
CA ILE A 125 -28.20 1.45 4.97
C ILE A 125 -29.69 1.84 5.06
N HIS A 126 -30.59 1.08 4.44
CA HIS A 126 -32.03 1.45 4.27
C HIS A 126 -32.89 1.06 5.47
N GLU A 127 -32.50 0.07 6.29
CA GLU A 127 -33.44 -0.58 7.26
C GLU A 127 -33.01 -0.39 8.71
N ILE A 128 -31.71 -0.25 9.01
CA ILE A 128 -31.22 -0.34 10.41
C ILE A 128 -30.74 1.02 10.90
N PRO A 129 -31.36 1.60 11.96
CA PRO A 129 -30.88 2.85 12.51
C PRO A 129 -29.58 2.68 13.33
N ASP A 130 -28.84 3.80 13.47
CA ASP A 130 -27.64 3.92 14.33
C ASP A 130 -26.62 2.88 13.86
N GLU A 131 -26.62 2.59 12.56
CA GLU A 131 -25.73 1.60 11.89
C GLU A 131 -24.57 2.33 11.18
N VAL A 132 -24.92 3.34 10.36
CA VAL A 132 -23.95 4.13 9.56
C VAL A 132 -23.49 5.34 10.38
N PHE A 133 -22.17 5.55 10.49
CA PHE A 133 -21.58 6.72 11.16
C PHE A 133 -20.30 7.19 10.44
N THR A 134 -20.02 8.47 10.67
CA THR A 134 -18.74 9.13 10.36
C THR A 134 -17.98 9.23 11.68
N TYR A 135 -16.66 9.23 11.60
CA TYR A 135 -15.77 9.47 12.75
C TYR A 135 -14.51 10.18 12.28
N ASN A 136 -14.12 11.26 12.99
CA ASN A 136 -12.74 11.78 13.02
C ASN A 136 -12.45 12.31 14.44
N ASP A 137 -11.18 12.55 14.76
CA ASP A 137 -10.79 12.94 16.14
C ASP A 137 -11.38 14.31 16.48
N GLN A 138 -11.60 15.18 15.49
CA GLN A 138 -12.13 16.56 15.66
C GLN A 138 -13.62 16.48 15.98
N ASP A 139 -14.39 15.77 15.15
CA ASP A 139 -15.88 15.81 15.21
C ASP A 139 -16.42 14.69 16.12
N GLY A 140 -15.63 13.68 16.46
CA GLY A 140 -16.18 12.47 17.10
C GLY A 140 -17.09 11.71 16.13
N GLU A 141 -17.91 10.83 16.66
CA GLU A 141 -18.86 9.96 15.93
C GLU A 141 -20.12 10.77 15.59
N ARG A 142 -20.60 10.67 14.35
CA ARG A 142 -21.92 11.23 13.96
C ARG A 142 -22.72 10.14 13.26
N ILE A 143 -23.87 9.77 13.83
CA ILE A 143 -24.77 8.73 13.25
C ILE A 143 -25.42 9.37 12.03
N ILE A 144 -25.42 8.67 10.89
CA ILE A 144 -26.03 9.16 9.63
C ILE A 144 -27.39 8.48 9.51
N PRO A 145 -28.50 9.27 9.39
CA PRO A 145 -29.85 8.72 9.47
C PRO A 145 -30.30 8.10 8.13
N THR A 146 -29.54 7.13 7.60
CA THR A 146 -29.75 6.58 6.23
C THR A 146 -31.08 5.82 6.12
N SER A 147 -31.51 5.12 7.16
CA SER A 147 -32.72 4.25 7.13
C SER A 147 -33.98 5.09 7.45
N SER A 148 -33.80 6.33 7.92
CA SER A 148 -34.90 7.23 8.38
C SER A 148 -35.74 7.72 7.18
N GLY A 149 -35.10 8.44 6.24
CA GLY A 149 -35.78 9.31 5.27
C GLY A 149 -35.20 10.72 5.30
N THR A 150 -34.44 11.07 6.35
CA THR A 150 -33.63 12.31 6.48
C THR A 150 -32.51 12.33 5.42
N MET A 151 -31.60 11.33 5.49
CA MET A 151 -30.54 11.02 4.49
C MET A 151 -31.13 10.03 3.45
N ASP A 152 -32.20 10.41 2.76
CA ASP A 152 -33.03 9.47 1.95
C ASP A 152 -33.00 9.82 0.44
N SER A 153 -33.37 8.83 -0.38
CA SER A 153 -33.58 8.86 -1.86
C SER A 153 -32.25 8.72 -2.63
N LYS A 154 -31.60 9.84 -2.99
CA LYS A 154 -30.40 9.84 -3.89
C LYS A 154 -29.31 10.73 -3.29
N ALA A 155 -29.23 10.84 -1.97
CA ALA A 155 -27.99 11.18 -1.22
C ALA A 155 -27.26 9.88 -0.84
N ILE A 156 -27.87 8.72 -1.14
CA ILE A 156 -27.35 7.36 -0.78
C ILE A 156 -26.44 6.87 -1.91
N TYR A 157 -26.98 6.82 -3.14
CA TYR A 157 -26.30 6.33 -4.36
C TYR A 157 -25.74 7.51 -5.13
N PRO A 158 -24.61 7.35 -5.89
CA PRO A 158 -23.78 6.14 -5.83
C PRO A 158 -22.88 6.03 -4.59
N TYR A 159 -22.31 4.84 -4.37
CA TYR A 159 -21.37 4.62 -3.24
C TYR A 159 -20.35 3.54 -3.62
N LEU A 160 -19.24 3.59 -2.89
CA LEU A 160 -18.19 2.56 -2.92
C LEU A 160 -18.28 1.79 -1.62
N LEU A 161 -18.12 0.48 -1.72
CA LEU A 161 -17.77 -0.34 -0.55
C LEU A 161 -16.31 -0.74 -0.68
N VAL A 162 -15.54 -0.41 0.34
CA VAL A 162 -14.15 -0.90 0.52
C VAL A 162 -14.21 -2.01 1.59
N ASN A 163 -14.26 -3.25 1.16
CA ASN A 163 -14.43 -4.40 2.09
C ASN A 163 -13.03 -4.89 2.44
N ILE A 164 -12.57 -4.60 3.67
CA ILE A 164 -11.18 -4.93 4.10
C ILE A 164 -11.20 -6.21 4.95
N GLY A 165 -10.62 -7.30 4.44
CA GLY A 165 -10.35 -8.50 5.25
C GLY A 165 -8.88 -8.85 5.15
N SER A 166 -8.55 -10.07 4.73
CA SER A 166 -7.15 -10.47 4.39
C SER A 166 -6.59 -9.48 3.37
N GLY A 167 -7.33 -9.35 2.26
CA GLY A 167 -7.13 -8.35 1.20
C GLY A 167 -8.20 -7.29 1.20
N VAL A 168 -8.24 -6.50 0.15
CA VAL A 168 -9.22 -5.39 -0.01
C VAL A 168 -10.02 -5.63 -1.30
N SER A 169 -11.35 -5.70 -1.18
CA SER A 169 -12.28 -5.73 -2.33
C SER A 169 -12.98 -4.38 -2.39
N ILE A 170 -13.11 -3.84 -3.59
CA ILE A 170 -13.79 -2.53 -3.80
C ILE A 170 -14.92 -2.78 -4.79
N LEU A 171 -16.12 -2.40 -4.39
CA LEU A 171 -17.36 -2.56 -5.14
C LEU A 171 -17.99 -1.17 -5.30
N LYS A 172 -18.53 -0.91 -6.49
CA LYS A 172 -19.26 0.33 -6.84
C LYS A 172 -20.73 -0.03 -6.93
N VAL A 173 -21.59 0.77 -6.31
CA VAL A 173 -23.07 0.62 -6.37
C VAL A 173 -23.68 1.92 -6.88
N THR A 174 -24.25 1.91 -8.09
CA THR A 174 -24.77 3.16 -8.74
C THR A 174 -26.22 3.37 -8.33
N GLU A 175 -26.98 2.29 -8.12
CA GLU A 175 -28.44 2.31 -7.86
C GLU A 175 -28.80 0.93 -7.33
N PRO A 176 -30.00 0.74 -6.77
CA PRO A 176 -30.43 -0.58 -6.33
C PRO A 176 -30.18 -1.63 -7.42
N ASN A 177 -29.55 -2.76 -7.05
CA ASN A 177 -29.29 -3.95 -7.92
C ASN A 177 -28.29 -3.63 -9.03
N ASN A 178 -27.61 -2.50 -8.96
CA ASN A 178 -26.66 -2.14 -10.04
C ASN A 178 -25.28 -1.98 -9.39
N PHE A 179 -24.50 -3.04 -9.36
CA PHE A 179 -23.19 -3.03 -8.66
C PHE A 179 -22.17 -3.82 -9.47
N SER A 180 -20.91 -3.52 -9.22
CA SER A 180 -19.79 -4.20 -9.89
C SER A 180 -18.54 -4.06 -9.05
N ARG A 181 -17.61 -4.98 -9.29
CA ARG A 181 -16.28 -4.99 -8.68
C ARG A 181 -15.39 -4.01 -9.47
N VAL A 182 -14.56 -3.24 -8.77
CA VAL A 182 -13.46 -2.46 -9.38
C VAL A 182 -12.16 -2.99 -8.76
N GLY A 183 -10.99 -2.57 -9.23
CA GLY A 183 -9.71 -3.05 -8.70
C GLY A 183 -9.59 -2.85 -7.20
N GLY A 184 -9.21 -3.92 -6.48
CA GLY A 184 -8.90 -3.94 -5.05
C GLY A 184 -7.41 -3.96 -4.79
N SER A 185 -6.98 -4.52 -3.67
CA SER A 185 -5.58 -4.45 -3.20
C SER A 185 -5.26 -5.73 -2.45
N SER A 186 -4.04 -6.23 -2.61
CA SER A 186 -3.53 -7.35 -1.77
C SER A 186 -2.93 -6.79 -0.46
N LEU A 187 -2.85 -5.46 -0.27
CA LEU A 187 -2.34 -4.84 1.00
C LEU A 187 -3.52 -4.55 1.94
N GLY A 188 -3.97 -5.57 2.66
CA GLY A 188 -5.17 -5.47 3.51
C GLY A 188 -4.85 -5.78 4.94
N GLY A 189 -5.85 -6.18 5.71
CA GLY A 189 -5.63 -6.59 7.11
C GLY A 189 -4.65 -7.76 7.24
N GLY A 190 -4.66 -8.73 6.34
CA GLY A 190 -3.73 -9.88 6.33
C GLY A 190 -2.29 -9.42 6.32
N THR A 191 -1.99 -8.37 5.58
CA THR A 191 -0.66 -7.76 5.43
C THR A 191 -0.24 -7.11 6.76
N LEU A 192 -1.07 -6.24 7.31
CA LEU A 192 -0.83 -5.59 8.61
C LEU A 192 -0.60 -6.67 9.69
N TRP A 193 -1.52 -7.63 9.81
CA TRP A 193 -1.49 -8.70 10.85
C TRP A 193 -0.26 -9.56 10.66
N GLY A 194 0.03 -10.00 9.44
CA GLY A 194 1.19 -10.86 9.14
C GLY A 194 2.52 -10.18 9.48
N LEU A 195 2.71 -8.93 9.03
CA LEU A 195 3.96 -8.18 9.27
C LEU A 195 4.13 -7.92 10.77
N LEU A 196 3.10 -7.44 11.48
CA LEU A 196 3.27 -7.02 12.90
C LEU A 196 3.41 -8.27 13.80
N SER A 197 2.68 -9.34 13.50
CA SER A 197 2.77 -10.61 14.27
C SER A 197 4.21 -11.09 14.19
N LEU A 198 4.80 -11.09 12.99
CA LEU A 198 6.15 -11.65 12.76
C LEU A 198 7.20 -10.72 13.37
N ILE A 199 7.08 -9.41 13.14
CA ILE A 199 8.11 -8.42 13.53
C ILE A 199 8.05 -8.19 15.05
N THR A 200 6.87 -8.02 15.63
CA THR A 200 6.69 -7.52 17.02
C THR A 200 6.32 -8.64 18.00
N GLY A 201 5.87 -9.79 17.51
CA GLY A 201 5.36 -10.91 18.31
C GLY A 201 4.00 -10.64 18.94
N ALA A 202 3.27 -9.62 18.51
CA ALA A 202 1.90 -9.36 19.00
C ALA A 202 1.08 -10.65 18.82
N GLN A 203 0.30 -11.00 19.85
CA GLN A 203 -0.43 -12.29 19.99
C GLN A 203 -1.84 -12.14 19.38
N THR A 204 -2.44 -10.93 19.43
CA THR A 204 -3.80 -10.70 18.89
C THR A 204 -3.82 -9.39 18.08
N TYR A 205 -4.78 -9.25 17.16
CA TYR A 205 -5.00 -7.97 16.44
C TYR A 205 -5.25 -6.88 17.49
N ASP A 206 -5.95 -7.22 18.57
CA ASP A 206 -6.24 -6.23 19.64
C ASP A 206 -4.94 -5.76 20.33
N GLN A 207 -3.95 -6.63 20.53
CA GLN A 207 -2.66 -6.20 21.13
C GLN A 207 -1.91 -5.26 20.17
N MET A 208 -1.93 -5.57 18.88
CA MET A 208 -1.28 -4.74 17.83
C MET A 208 -1.89 -3.35 17.87
N LEU A 209 -3.20 -3.25 18.02
CA LEU A 209 -3.89 -1.92 18.01
C LEU A 209 -3.59 -1.18 19.33
N ASP A 210 -3.55 -1.87 20.46
CA ASP A 210 -3.17 -1.25 21.76
C ASP A 210 -1.75 -0.68 21.60
N TRP A 211 -0.79 -1.49 21.16
CA TRP A 211 0.64 -1.09 20.94
C TRP A 211 0.70 0.12 19.99
N ALA A 212 -0.05 0.08 18.87
CA ALA A 212 -0.11 1.18 17.87
C ALA A 212 -0.59 2.49 18.54
N GLN A 213 -1.56 2.41 19.45
CA GLN A 213 -2.22 3.59 20.09
C GLN A 213 -1.17 4.40 20.86
N GLU A 214 -0.24 3.72 21.52
CA GLU A 214 0.77 4.35 22.40
C GLU A 214 2.11 4.50 21.67
N GLY A 215 2.15 4.24 20.36
CA GLY A 215 3.40 4.25 19.57
C GLY A 215 3.75 5.63 19.06
N ASP A 216 4.99 5.78 18.61
CA ASP A 216 5.49 6.97 17.88
C ASP A 216 6.08 6.55 16.52
N ASN A 217 5.34 6.68 15.41
CA ASN A 217 5.80 6.16 14.09
C ASN A 217 7.04 6.93 13.64
N SER A 218 7.22 8.19 14.10
CA SER A 218 8.33 9.08 13.70
C SER A 218 9.69 8.40 13.92
N SER A 219 9.79 7.38 14.78
CA SER A 219 11.10 6.75 15.04
C SER A 219 11.47 5.77 13.91
N VAL A 220 10.49 5.25 13.14
CA VAL A 220 10.78 4.31 12.01
C VAL A 220 10.41 4.94 10.67
N ASP A 221 9.52 5.95 10.63
CA ASP A 221 9.12 6.60 9.37
C ASP A 221 9.96 7.85 9.12
N MET A 222 10.22 8.12 7.85
CA MET A 222 10.70 9.47 7.40
CA MET A 222 10.69 9.47 7.40
C MET A 222 9.49 10.37 7.16
N LEU A 223 9.41 11.48 7.92
CA LEU A 223 8.38 12.51 7.68
C LEU A 223 8.95 13.52 6.68
N VAL A 224 8.07 14.29 6.03
CA VAL A 224 8.47 15.36 5.06
C VAL A 224 9.49 16.24 5.78
N GLY A 225 9.23 16.53 7.07
CA GLY A 225 10.09 17.31 7.97
C GLY A 225 11.52 16.80 8.01
N ASP A 226 11.72 15.49 8.12
CA ASP A 226 13.06 14.86 8.15
C ASP A 226 13.79 15.08 6.82
N ILE A 227 13.07 15.15 5.71
CA ILE A 227 13.71 15.24 4.37
C ILE A 227 13.91 16.72 4.02
N TYR A 228 12.85 17.54 4.12
CA TYR A 228 12.78 18.92 3.57
C TYR A 228 13.10 19.93 4.68
N GLY A 229 13.32 19.47 5.91
CA GLY A 229 13.68 20.28 7.08
C GLY A 229 12.60 21.29 7.47
N THR A 230 11.38 21.14 6.93
CA THR A 230 10.30 22.16 6.99
C THR A 230 9.08 21.62 6.21
N ASP A 231 8.02 22.41 6.11
CA ASP A 231 6.84 22.11 5.24
C ASP A 231 7.32 22.07 3.78
N TYR A 232 6.52 21.47 2.89
CA TYR A 232 6.71 21.53 1.41
C TYR A 232 5.38 21.95 0.76
N ILE A 235 4.73 18.40 -2.12
CA ILE A 235 4.06 19.71 -2.43
C ILE A 235 2.59 19.63 -2.01
N GLY A 236 2.18 20.46 -1.04
CA GLY A 236 0.84 20.44 -0.41
C GLY A 236 0.83 19.57 0.84
N LEU A 237 2.00 19.34 1.43
CA LEU A 237 2.19 18.44 2.61
C LEU A 237 2.82 19.19 3.79
N LYS A 238 2.30 18.94 4.98
CA LYS A 238 2.85 19.38 6.30
C LYS A 238 4.14 18.62 6.64
N SER A 239 4.92 19.21 7.53
CA SER A 239 6.22 18.63 7.99
CA SER A 239 6.21 18.62 7.97
CA SER A 239 6.21 18.62 7.99
C SER A 239 5.95 17.24 8.59
N SER A 240 4.86 17.09 9.36
CA SER A 240 4.52 15.82 10.08
C SER A 240 4.03 14.72 9.12
N ALA A 241 3.64 15.06 7.89
CA ALA A 241 3.15 14.08 6.88
C ALA A 241 4.23 12.99 6.72
N ILE A 242 3.81 11.75 6.46
CA ILE A 242 4.75 10.61 6.27
C ILE A 242 5.18 10.60 4.79
N ALA A 243 6.49 10.62 4.56
CA ALA A 243 7.13 10.59 3.22
C ALA A 243 7.53 9.15 2.91
N SER A 244 8.08 8.41 3.87
CA SER A 244 8.50 7.01 3.67
C SER A 244 8.19 6.18 4.91
N SER A 245 7.22 5.29 4.77
CA SER A 245 6.83 4.36 5.84
C SER A 245 8.00 3.40 6.04
N PHE A 246 8.49 3.24 7.29
CA PHE A 246 9.64 2.39 7.67
C PHE A 246 10.94 2.89 7.02
N GLY A 247 10.93 4.11 6.48
CA GLY A 247 12.07 4.66 5.73
C GLY A 247 13.28 4.92 6.60
N LYS A 248 13.12 5.04 7.91
CA LYS A 248 14.27 5.25 8.83
C LYS A 248 14.91 3.91 9.20
N VAL A 249 14.29 2.76 8.89
CA VAL A 249 14.73 1.44 9.44
C VAL A 249 15.96 0.92 8.69
N PHE A 250 16.07 1.02 7.36
CA PHE A 250 17.21 0.40 6.62
C PHE A 250 18.57 1.04 7.00
N GLN A 251 18.58 2.19 7.69
CA GLN A 251 19.83 2.85 8.16
C GLN A 251 20.30 2.23 9.48
N GLU A 264 26.95 -16.71 5.71
CA GLU A 264 26.20 -17.66 6.59
C GLU A 264 25.26 -18.51 5.73
N ASN A 265 24.56 -17.88 4.77
CA ASN A 265 23.59 -18.51 3.84
C ASN A 265 22.37 -19.01 4.66
N LYS A 266 21.90 -18.17 5.61
CA LYS A 266 20.67 -18.38 6.43
C LYS A 266 19.42 -18.41 5.54
N LEU A 267 18.46 -19.29 5.84
CA LEU A 267 17.28 -19.50 4.97
C LEU A 267 16.03 -18.96 5.67
N TYR A 268 15.96 -19.04 7.00
CA TYR A 268 14.70 -18.79 7.76
C TYR A 268 14.81 -17.57 8.67
N SER A 269 13.69 -16.88 8.83
CA SER A 269 13.52 -15.80 9.83
C SER A 269 12.32 -16.18 10.69
N SER A 270 12.35 -15.74 11.93
CA SER A 270 11.26 -15.92 12.92
C SER A 270 11.19 -14.64 13.74
N HIS A 271 10.14 -14.47 14.53
CA HIS A 271 10.07 -13.36 15.50
C HIS A 271 11.33 -13.42 16.37
N GLU A 272 11.64 -14.61 16.87
CA GLU A 272 12.82 -14.86 17.76
C GLU A 272 14.09 -14.30 17.09
N SER A 273 14.31 -14.59 15.80
CA SER A 273 15.52 -14.14 15.06
C SER A 273 15.51 -12.63 14.86
N ILE A 274 14.36 -12.02 14.59
CA ILE A 274 14.24 -10.53 14.45
C ILE A 274 14.51 -9.87 15.79
N GLU A 275 13.95 -10.41 16.89
CA GLU A 275 14.06 -9.86 18.26
C GLU A 275 15.52 -9.94 18.76
N LYS A 276 16.16 -11.11 18.61
CA LYS A 276 17.57 -11.38 18.98
C LYS A 276 18.50 -10.44 18.21
N ASN A 277 18.38 -10.45 16.89
CA ASN A 277 19.29 -9.75 15.95
C ASN A 277 19.21 -8.24 16.22
N ASN A 278 18.01 -7.70 16.48
CA ASN A 278 17.77 -6.24 16.53
C ASN A 278 17.55 -5.75 17.96
N GLY A 279 17.54 -6.65 18.95
CA GLY A 279 17.20 -6.31 20.35
C GLY A 279 16.01 -5.36 20.37
N GLN A 280 16.19 -4.16 20.93
CA GLN A 280 15.11 -3.15 21.08
C GLN A 280 15.51 -1.86 20.34
N MET A 281 16.34 -1.97 19.28
CA MET A 281 16.74 -0.83 18.37
C MET A 281 15.50 -0.10 17.85
N PHE A 282 14.41 -0.83 17.59
CA PHE A 282 13.10 -0.28 17.19
C PHE A 282 12.03 -0.83 18.13
N LYS A 283 11.18 0.07 18.62
CA LYS A 283 10.17 -0.23 19.64
C LYS A 283 8.89 -0.75 18.96
N ASN A 284 8.37 -1.86 19.46
CA ASN A 284 7.17 -2.54 18.95
C ASN A 284 6.01 -1.56 18.77
N PRO A 285 5.66 -0.71 19.76
CA PRO A 285 4.57 0.27 19.58
C PRO A 285 4.73 1.22 18.37
N ASP A 286 5.97 1.65 18.12
CA ASP A 286 6.34 2.57 17.01
C ASP A 286 6.17 1.86 15.67
N ILE A 287 6.60 0.61 15.62
CA ILE A 287 6.44 -0.30 14.45
C ILE A 287 4.96 -0.53 14.15
N CYS A 288 4.14 -0.77 15.18
CA CYS A 288 2.69 -1.03 15.06
C CYS A 288 1.98 0.21 14.51
N LYS A 289 2.30 1.40 15.05
CA LYS A 289 1.73 2.69 14.57
C LYS A 289 2.15 2.96 13.12
N SER A 290 3.41 2.79 12.78
CA SER A 290 3.94 3.02 11.42
C SER A 290 3.15 2.18 10.40
N LEU A 291 3.01 0.88 10.66
CA LEU A 291 2.42 -0.06 9.65
C LEU A 291 0.90 0.05 9.65
N LEU A 292 0.31 0.36 10.80
CA LEU A 292 -1.14 0.69 10.83
C LEU A 292 -1.38 1.93 9.96
N PHE A 293 -0.61 3.02 10.11
CA PHE A 293 -0.76 4.22 9.24
C PHE A 293 -0.48 3.83 7.78
N ALA A 294 0.57 3.03 7.51
CA ALA A 294 1.01 2.75 6.12
C ALA A 294 -0.12 2.03 5.39
N ILE A 295 -0.66 0.96 5.97
CA ILE A 295 -1.72 0.13 5.35
C ILE A 295 -3.04 0.92 5.29
N SER A 296 -3.42 1.61 6.36
CA SER A 296 -4.66 2.42 6.41
C SER A 296 -4.63 3.56 5.38
N ASN A 297 -3.54 4.33 5.33
CA ASN A 297 -3.38 5.47 4.38
C ASN A 297 -3.40 4.93 2.96
N ASN A 298 -2.83 3.76 2.73
CA ASN A 298 -2.78 3.14 1.38
C ASN A 298 -4.17 2.75 0.92
N ILE A 299 -4.95 2.08 1.78
CA ILE A 299 -6.36 1.71 1.47
C ILE A 299 -7.17 2.98 1.23
N GLY A 300 -7.01 3.98 2.10
CA GLY A 300 -7.63 5.32 1.94
C GLY A 300 -7.36 5.90 0.56
N GLN A 301 -6.11 5.88 0.11
CA GLN A 301 -5.72 6.48 -1.19
C GLN A 301 -6.35 5.69 -2.34
N ILE A 302 -6.27 4.37 -2.32
CA ILE A 302 -6.80 3.54 -3.43
C ILE A 302 -8.32 3.73 -3.49
N ALA A 303 -9.00 3.78 -2.35
CA ALA A 303 -10.46 4.05 -2.26
C ALA A 303 -10.75 5.41 -2.90
N TYR A 304 -9.98 6.43 -2.51
CA TYR A 304 -10.11 7.78 -3.07
C TYR A 304 -9.99 7.75 -4.58
N LEU A 305 -8.94 7.09 -5.11
CA LEU A 305 -8.62 7.04 -6.55
C LEU A 305 -9.73 6.32 -7.31
N GLN A 306 -10.28 5.24 -6.77
CA GLN A 306 -11.43 4.54 -7.39
C GLN A 306 -12.68 5.43 -7.35
N ALA A 307 -12.93 6.13 -6.24
CA ALA A 307 -14.09 7.04 -6.09
C ALA A 307 -13.94 8.20 -7.08
N LYS A 308 -12.71 8.68 -7.31
CA LYS A 308 -12.41 9.79 -8.26
C LYS A 308 -12.78 9.33 -9.68
N ILE A 309 -12.28 8.17 -10.08
CA ILE A 309 -12.52 7.59 -11.44
C ILE A 309 -14.02 7.44 -11.67
N ASN A 310 -14.79 7.06 -10.65
CA ASN A 310 -16.21 6.66 -10.79
C ASN A 310 -17.12 7.84 -10.37
N ASN A 311 -16.56 9.01 -10.05
CA ASN A 311 -17.30 10.19 -9.53
C ASN A 311 -18.26 9.78 -8.41
N ILE A 312 -17.74 9.21 -7.35
CA ILE A 312 -18.48 8.80 -6.13
C ILE A 312 -17.99 9.64 -4.95
N GLN A 313 -18.90 10.14 -4.13
CA GLN A 313 -18.59 10.97 -2.93
C GLN A 313 -18.62 10.10 -1.68
N ASN A 314 -19.48 9.08 -1.65
CA ASN A 314 -19.80 8.24 -0.48
C ASN A 314 -18.95 6.96 -0.46
N ILE A 315 -18.08 6.81 0.53
CA ILE A 315 -17.17 5.63 0.63
C ILE A 315 -17.42 4.91 1.93
N TYR A 316 -17.98 3.70 1.83
CA TYR A 316 -18.23 2.82 2.98
C TYR A 316 -17.04 1.90 3.19
N PHE A 317 -16.58 1.80 4.44
CA PHE A 317 -15.60 0.79 4.88
C PHE A 317 -16.31 -0.37 5.56
N GLY A 318 -16.08 -1.57 5.03
CA GLY A 318 -16.55 -2.81 5.64
C GLY A 318 -15.44 -3.79 5.92
N GLY A 319 -15.83 -4.89 6.53
CA GLY A 319 -14.98 -6.02 6.93
C GLY A 319 -14.60 -5.96 8.39
N SER A 320 -13.44 -6.51 8.71
CA SER A 320 -12.99 -6.85 10.09
C SER A 320 -11.78 -5.98 10.45
N TYR A 321 -11.53 -4.92 9.68
CA TYR A 321 -10.30 -4.13 9.80
C TYR A 321 -10.46 -2.98 10.79
N THR A 322 -11.48 -2.12 10.69
CA THR A 322 -11.53 -0.88 11.50
C THR A 322 -11.80 -1.27 12.96
N ARG A 323 -12.70 -2.24 13.16
CA ARG A 323 -13.15 -2.77 14.49
C ARG A 323 -13.51 -1.63 15.46
N GLY A 324 -14.08 -0.51 15.00
CA GLY A 324 -14.43 0.62 15.88
C GLY A 324 -13.20 1.28 16.51
N HIS A 325 -12.01 1.04 15.98
CA HIS A 325 -10.74 1.62 16.51
C HIS A 325 -10.70 3.08 16.06
N LEU A 326 -10.69 4.03 17.01
CA LEU A 326 -10.84 5.48 16.70
C LEU A 326 -9.70 5.94 15.78
N THR A 327 -8.45 5.54 16.05
CA THR A 327 -7.25 5.95 15.26
C THR A 327 -7.38 5.38 13.84
N THR A 328 -7.75 4.13 13.69
CA THR A 328 -7.90 3.59 12.31
C THR A 328 -8.94 4.42 11.58
N MET A 329 -10.06 4.72 12.22
CA MET A 329 -11.18 5.41 11.54
C MET A 329 -10.76 6.85 11.24
N ASN A 330 -10.10 7.51 12.17
CA ASN A 330 -9.52 8.86 11.93
C ASN A 330 -8.58 8.78 10.74
N THR A 331 -7.70 7.77 10.70
CA THR A 331 -6.71 7.67 9.59
C THR A 331 -7.45 7.53 8.26
N LEU A 332 -8.44 6.66 8.18
CA LEU A 332 -9.13 6.43 6.87
C LEU A 332 -9.89 7.71 6.49
N SER A 333 -10.61 8.33 7.44
CA SER A 333 -11.45 9.52 7.12
C SER A 333 -10.58 10.69 6.66
N TYR A 334 -9.48 10.96 7.35
CA TYR A 334 -8.51 12.03 7.02
C TYR A 334 -7.97 11.82 5.61
N ALA A 335 -7.55 10.59 5.28
CA ALA A 335 -7.03 10.28 3.93
C ALA A 335 -8.08 10.62 2.87
N ILE A 336 -9.32 10.17 3.03
CA ILE A 336 -10.40 10.44 2.04
C ILE A 336 -10.63 11.95 1.99
N ASN A 337 -10.70 12.61 3.16
CA ASN A 337 -10.96 14.07 3.27
C ASN A 337 -9.80 14.88 2.63
N PHE A 338 -8.56 14.50 2.92
CA PHE A 338 -7.34 15.11 2.35
C PHE A 338 -7.27 15.00 0.81
N TRP A 339 -7.36 13.79 0.25
CA TRP A 339 -7.20 13.60 -1.21
C TRP A 339 -8.30 14.32 -2.01
N SER A 340 -9.51 14.41 -1.45
CA SER A 340 -10.73 14.92 -2.13
C SER A 340 -10.93 16.42 -1.79
N GLN A 341 -10.05 17.01 -0.98
CA GLN A 341 -10.19 18.39 -0.46
C GLN A 341 -11.62 18.55 0.06
N GLY A 342 -12.12 17.55 0.79
CA GLY A 342 -13.41 17.60 1.50
C GLY A 342 -14.60 17.16 0.67
N SER A 343 -14.45 16.84 -0.61
CA SER A 343 -15.58 16.48 -1.50
C SER A 343 -16.07 15.02 -1.34
N LYS A 344 -15.29 14.16 -0.69
CA LYS A 344 -15.65 12.73 -0.49
C LYS A 344 -15.62 12.45 1.01
N GLN A 345 -16.33 11.40 1.44
CA GLN A 345 -16.56 11.13 2.86
C GLN A 345 -16.46 9.62 3.13
N ALA A 346 -15.76 9.27 4.21
CA ALA A 346 -15.64 7.90 4.75
C ALA A 346 -16.81 7.67 5.71
N PHE A 347 -17.50 6.55 5.49
CA PHE A 347 -18.61 6.05 6.36
C PHE A 347 -18.21 4.70 6.93
N PHE A 348 -18.54 4.48 8.21
CA PHE A 348 -18.22 3.25 8.99
C PHE A 348 -19.54 2.60 9.38
N LEU A 349 -19.48 1.32 9.74
CA LEU A 349 -20.67 0.49 9.97
C LEU A 349 -20.52 -0.23 11.30
N LYS A 350 -21.50 -0.10 12.18
CA LYS A 350 -21.51 -0.83 13.48
C LYS A 350 -21.40 -2.35 13.23
N HIS A 351 -21.92 -2.86 12.10
CA HIS A 351 -21.88 -4.31 11.76
C HIS A 351 -21.02 -4.55 10.51
N GLU A 352 -19.90 -3.82 10.40
CA GLU A 352 -18.96 -3.83 9.24
C GLU A 352 -18.59 -5.26 8.84
N GLY A 353 -18.39 -6.16 9.81
CA GLY A 353 -17.93 -7.54 9.56
C GLY A 353 -19.00 -8.41 8.88
N TYR A 354 -20.27 -7.99 8.93
CA TYR A 354 -21.43 -8.89 8.73
C TYR A 354 -22.14 -8.63 7.41
N LEU A 355 -21.62 -7.74 6.57
CA LEU A 355 -22.32 -7.30 5.34
C LEU A 355 -22.65 -8.55 4.51
N GLY A 356 -21.67 -9.42 4.26
CA GLY A 356 -21.85 -10.59 3.38
C GLY A 356 -22.83 -11.57 3.99
N ALA A 357 -22.69 -11.84 5.29
CA ALA A 357 -23.51 -12.85 6.01
C ALA A 357 -24.95 -12.32 6.00
N MET A 358 -25.11 -10.99 6.16
CA MET A 358 -26.45 -10.36 6.17
CA MET A 358 -26.44 -10.33 6.16
C MET A 358 -27.11 -10.55 4.80
N GLY A 359 -26.37 -10.35 3.71
CA GLY A 359 -26.92 -10.53 2.35
C GLY A 359 -27.31 -11.98 2.12
N ALA A 360 -26.47 -12.93 2.55
CA ALA A 360 -26.79 -14.37 2.43
C ALA A 360 -28.07 -14.66 3.21
N PHE A 361 -28.18 -14.14 4.43
CA PHE A 361 -29.33 -14.38 5.33
C PHE A 361 -30.62 -13.93 4.62
N LEU A 362 -30.57 -12.77 3.99
CA LEU A 362 -31.75 -12.16 3.31
C LEU A 362 -32.19 -13.02 2.12
N SER A 363 -31.25 -13.61 1.39
CA SER A 363 -31.53 -14.55 0.26
C SER A 363 -32.27 -15.78 0.80
N ALA A 364 -31.70 -16.45 1.80
CA ALA A 364 -32.27 -17.66 2.44
C ALA A 364 -33.65 -17.30 3.00
N SER A 365 -33.76 -16.16 3.66
CA SER A 365 -35.06 -15.72 4.22
C SER A 365 -36.13 -15.59 3.12
N ARG A 366 -35.79 -15.02 1.96
CA ARG A 366 -36.71 -14.92 0.79
C ARG A 366 -37.07 -16.32 0.28
N HIS A 367 -36.13 -17.28 0.32
CA HIS A 367 -36.40 -18.68 -0.13
C HIS A 367 -37.34 -19.42 0.84
N SER A 368 -37.25 -19.17 2.15
CA SER A 368 -38.07 -19.86 3.18
C SER A 368 -39.44 -19.18 3.32
N SER A 369 -39.63 -18.04 2.66
CA SER A 369 -40.91 -17.30 2.52
C SER A 369 -41.76 -17.99 1.44
N THR B 13 33.22 5.16 -13.50
CA THR B 13 31.85 4.67 -13.17
C THR B 13 30.95 4.81 -14.41
N GLN B 14 29.73 5.34 -14.27
CA GLN B 14 28.75 5.56 -15.37
C GLN B 14 28.99 6.94 -15.99
N GLU B 15 29.17 7.00 -17.31
CA GLU B 15 29.42 8.23 -18.09
C GLU B 15 28.57 8.20 -19.36
N ILE B 16 28.18 9.38 -19.81
CA ILE B 16 27.59 9.65 -21.15
C ILE B 16 28.50 10.66 -21.85
N SER B 17 28.72 10.46 -23.14
CA SER B 17 29.29 11.48 -24.06
C SER B 17 28.20 12.47 -24.40
N TYR B 18 28.43 13.75 -24.13
CA TYR B 18 27.49 14.85 -24.45
C TYR B 18 28.27 16.17 -24.49
N ASN B 19 28.04 16.99 -25.52
CA ASN B 19 28.72 18.29 -25.70
C ASN B 19 28.06 19.30 -24.77
N CYS B 20 28.58 19.40 -23.55
CA CYS B 20 28.05 20.31 -22.50
C CYS B 20 28.40 21.74 -22.89
N ASP B 21 27.74 22.72 -22.28
CA ASP B 21 28.08 24.16 -22.42
C ASP B 21 29.08 24.50 -21.32
N TYR B 22 30.33 24.78 -21.68
CA TYR B 22 31.39 25.16 -20.71
C TYR B 22 31.71 26.65 -20.86
N GLY B 23 30.83 27.42 -21.50
CA GLY B 23 30.98 28.88 -21.71
C GLY B 23 31.36 29.61 -20.43
N ASP B 24 30.83 29.17 -19.29
CA ASP B 24 31.08 29.80 -17.95
C ASP B 24 32.46 29.38 -17.42
N ASN B 25 33.16 28.46 -18.07
CA ASN B 25 34.49 27.96 -17.62
C ASN B 25 34.39 27.48 -16.17
N THR B 26 33.30 26.77 -15.84
CA THR B 26 32.99 26.38 -14.44
C THR B 26 32.81 24.86 -14.37
N PHE B 27 33.28 24.27 -13.28
CA PHE B 27 33.03 22.84 -12.98
C PHE B 27 31.68 22.81 -12.25
N ASN B 28 30.65 22.33 -12.92
CA ASN B 28 29.27 22.29 -12.38
C ASN B 28 29.10 20.92 -11.72
N LEU B 29 28.80 20.93 -10.43
CA LEU B 29 28.62 19.74 -9.57
C LEU B 29 27.18 19.74 -9.03
N ALA B 30 26.30 18.93 -9.64
CA ALA B 30 24.87 18.86 -9.26
C ALA B 30 24.69 17.72 -8.26
N ILE B 31 24.02 18.00 -7.15
CA ILE B 31 23.80 17.02 -6.06
C ILE B 31 22.31 16.95 -5.73
N ASP B 32 21.75 15.75 -5.84
CA ASP B 32 20.35 15.44 -5.44
C ASP B 32 20.43 14.79 -4.06
N ILE B 33 20.04 15.54 -3.03
CA ILE B 33 20.13 15.07 -1.63
CA ILE B 33 20.13 15.07 -1.63
C ILE B 33 18.73 14.62 -1.21
N GLY B 34 18.49 13.31 -1.23
CA GLY B 34 17.20 12.73 -0.83
C GLY B 34 17.22 12.43 0.66
N GLY B 35 16.21 11.70 1.15
CA GLY B 35 16.19 11.24 2.54
C GLY B 35 17.29 10.23 2.80
N THR B 36 17.64 9.40 1.81
CA THR B 36 18.47 8.17 2.03
C THR B 36 19.70 8.17 1.11
N LEU B 37 19.59 8.68 -0.12
CA LEU B 37 20.68 8.63 -1.14
C LEU B 37 21.03 10.06 -1.59
N ALA B 38 22.29 10.30 -1.91
CA ALA B 38 22.77 11.51 -2.63
C ALA B 38 23.25 11.09 -4.02
N LYS B 39 22.79 11.76 -5.05
CA LYS B 39 23.12 11.48 -6.46
C LYS B 39 23.84 12.71 -7.01
N VAL B 40 24.97 12.50 -7.67
CA VAL B 40 25.73 13.62 -8.28
C VAL B 40 25.79 13.41 -9.79
N VAL B 41 25.72 14.53 -10.51
CA VAL B 41 25.99 14.67 -11.95
C VAL B 41 27.01 15.79 -12.08
N PHE B 42 28.09 15.56 -12.84
CA PHE B 42 29.13 16.58 -13.08
C PHE B 42 29.82 16.32 -14.40
N SER B 43 30.58 17.31 -14.89
CA SER B 43 31.32 17.25 -16.16
C SER B 43 32.64 17.98 -16.00
N PRO B 44 33.78 17.25 -16.01
CA PRO B 44 35.07 17.92 -16.03
C PRO B 44 35.02 18.96 -17.16
N ILE B 45 35.56 20.14 -16.92
CA ILE B 45 35.50 21.27 -17.89
C ILE B 45 36.14 20.77 -19.20
N HIS B 46 35.43 20.91 -20.32
CA HIS B 46 35.88 20.61 -21.69
C HIS B 46 36.03 19.09 -21.93
N SER B 47 35.52 18.22 -21.04
CA SER B 47 35.59 16.74 -21.19
C SER B 47 34.57 16.23 -22.21
N ASN B 48 33.39 16.86 -22.29
CA ASN B 48 32.19 16.35 -23.01
C ASN B 48 31.77 14.99 -22.43
N ARG B 49 31.99 14.79 -21.13
CA ARG B 49 31.55 13.60 -20.37
C ARG B 49 30.64 14.03 -19.22
N LEU B 50 29.40 13.52 -19.21
CA LEU B 50 28.49 13.52 -18.04
C LEU B 50 28.83 12.31 -17.17
N MET B 51 29.16 12.56 -15.92
CA MET B 51 29.57 11.53 -14.93
C MET B 51 28.56 11.49 -13.77
N PHE B 52 28.23 10.28 -13.33
CA PHE B 52 27.13 9.97 -12.41
C PHE B 52 27.67 9.16 -11.23
N TYR B 53 27.26 9.49 -10.01
CA TYR B 53 27.69 8.74 -8.82
C TYR B 53 26.63 8.84 -7.73
N THR B 54 26.38 7.72 -7.07
CA THR B 54 25.38 7.59 -5.99
C THR B 54 26.09 7.15 -4.71
N ILE B 55 25.79 7.81 -3.57
CA ILE B 55 26.21 7.38 -2.19
C ILE B 55 25.00 7.55 -1.24
N GLU B 56 25.08 7.01 0.00
CA GLU B 56 24.07 7.19 1.10
C GLU B 56 24.23 8.55 1.79
N THR B 57 23.13 9.18 2.20
CA THR B 57 23.10 10.53 2.85
C THR B 57 23.47 10.43 4.34
N GLU B 58 22.90 9.46 5.08
CA GLU B 58 23.24 9.18 6.50
C GLU B 58 24.75 8.97 6.62
N LYS B 59 25.37 9.64 7.59
CA LYS B 59 26.83 9.95 7.62
C LYS B 59 27.04 11.07 6.59
N ILE B 60 26.40 12.23 6.82
CA ILE B 60 26.48 13.45 5.95
C ILE B 60 27.96 13.78 5.70
N ASP B 61 28.84 13.55 6.70
CA ASP B 61 30.32 13.67 6.60
C ASP B 61 30.84 12.89 5.38
N LYS B 62 30.64 11.56 5.35
CA LYS B 62 31.21 10.63 4.32
C LYS B 62 30.81 11.10 2.90
N PHE B 63 29.70 11.82 2.79
CA PHE B 63 29.19 12.39 1.51
C PHE B 63 29.96 13.68 1.18
N MET B 64 29.90 14.69 2.07
CA MET B 64 30.69 15.95 1.93
C MET B 64 32.11 15.55 1.53
N GLU B 65 32.64 14.46 2.10
CA GLU B 65 33.97 13.92 1.76
C GLU B 65 33.98 13.46 0.29
N LEU B 66 32.88 12.88 -0.21
CA LEU B 66 32.72 12.54 -1.65
C LEU B 66 32.81 13.83 -2.49
N LEU B 67 32.12 14.90 -2.08
CA LEU B 67 32.11 16.15 -2.89
C LEU B 67 33.53 16.71 -2.96
N HIS B 68 34.30 16.64 -1.87
CA HIS B 68 35.73 17.05 -1.84
C HIS B 68 36.53 16.22 -2.85
N SER B 69 36.30 14.90 -2.86
CA SER B 69 37.09 13.93 -3.68
CA SER B 69 37.10 13.94 -3.68
C SER B 69 36.87 14.21 -5.17
N ILE B 70 35.62 14.45 -5.56
CA ILE B 70 35.22 14.79 -6.95
C ILE B 70 35.96 16.07 -7.36
N ILE B 71 35.96 17.07 -6.49
CA ILE B 71 36.60 18.39 -6.75
C ILE B 71 38.13 18.17 -6.83
N LYS B 72 38.70 17.37 -5.93
CA LYS B 72 40.15 16.99 -5.93
C LYS B 72 40.51 16.30 -7.26
N GLU B 73 39.81 15.23 -7.65
CA GLU B 73 40.20 14.32 -8.76
C GLU B 73 39.78 14.87 -10.13
N HIS B 74 38.67 15.62 -10.22
CA HIS B 74 38.01 15.93 -11.52
C HIS B 74 38.05 17.44 -11.83
N ASN B 75 38.49 18.28 -10.91
CA ASN B 75 38.65 19.74 -11.18
C ASN B 75 39.94 20.24 -10.55
N ASN B 76 40.94 19.35 -10.40
CA ASN B 76 42.30 19.69 -9.93
C ASN B 76 42.24 20.43 -8.58
N GLY B 77 41.28 20.07 -7.71
CA GLY B 77 41.12 20.67 -6.36
C GLY B 77 40.71 22.14 -6.39
N CYS B 78 40.15 22.64 -7.49
CA CYS B 78 39.89 24.10 -7.64
C CYS B 78 38.44 24.42 -7.26
N TYR B 79 38.25 24.76 -5.99
CA TYR B 79 36.94 25.14 -5.40
C TYR B 79 36.43 26.41 -6.09
N ARG B 80 37.32 27.39 -6.31
CA ARG B 80 37.03 28.72 -6.92
C ARG B 80 36.44 28.57 -8.32
N MET B 81 36.69 27.46 -9.03
CA MET B 81 36.10 27.22 -10.37
C MET B 81 35.02 26.14 -10.30
N THR B 82 34.45 25.92 -9.11
CA THR B 82 33.41 24.90 -8.87
C THR B 82 32.13 25.60 -8.43
N HIS B 83 31.02 25.24 -9.07
CA HIS B 83 29.66 25.67 -8.66
C HIS B 83 28.86 24.44 -8.23
N ILE B 84 28.34 24.43 -7.00
CA ILE B 84 27.43 23.35 -6.55
C ILE B 84 25.97 23.77 -6.78
N ILE B 85 25.20 22.90 -7.44
CA ILE B 85 23.73 23.06 -7.55
C ILE B 85 23.07 21.94 -6.72
N ALA B 86 22.34 22.30 -5.68
CA ALA B 86 21.70 21.36 -4.72
C ALA B 86 20.23 21.20 -5.10
N THR B 87 19.77 19.95 -5.21
CA THR B 87 18.36 19.60 -5.50
C THR B 87 17.92 18.54 -4.48
N GLY B 88 16.68 18.04 -4.60
CA GLY B 88 16.03 17.21 -3.55
C GLY B 88 15.77 18.02 -2.29
N GLY B 89 15.43 17.37 -1.17
CA GLY B 89 14.92 18.04 0.05
C GLY B 89 16.06 18.45 0.97
N GLY B 90 17.20 17.77 0.85
CA GLY B 90 18.41 18.15 1.59
C GLY B 90 18.92 19.48 1.08
N ALA B 91 18.42 19.93 -0.07
CA ALA B 91 18.84 21.19 -0.73
C ALA B 91 18.57 22.37 0.21
N PHE B 92 17.54 22.23 1.06
CA PHE B 92 17.15 23.21 2.11
C PHE B 92 17.73 22.74 3.45
N LYS B 93 17.31 21.58 3.97
CA LYS B 93 17.96 21.02 5.20
C LYS B 93 19.50 21.22 5.15
N PHE B 94 20.15 21.30 3.97
CA PHE B 94 21.63 21.33 3.87
C PHE B 94 22.22 22.46 3.03
N TYR B 95 21.46 23.45 2.51
CA TYR B 95 22.03 24.59 1.72
C TYR B 95 23.16 25.25 2.53
N ASP B 96 22.89 25.66 3.78
CA ASP B 96 23.87 26.38 4.64
C ASP B 96 25.05 25.46 4.95
N LEU B 97 24.77 24.20 5.30
CA LEU B 97 25.79 23.20 5.67
C LEU B 97 26.78 23.01 4.51
N LEU B 98 26.30 23.14 3.27
CA LEU B 98 27.19 23.09 2.08
C LEU B 98 28.13 24.31 2.07
N TYR B 99 27.64 25.54 2.29
CA TYR B 99 28.49 26.77 2.29
C TYR B 99 29.55 26.65 3.39
N GLU B 100 29.13 26.14 4.53
CA GLU B 100 29.96 25.87 5.73
C GLU B 100 31.05 24.83 5.39
N ASN B 101 30.75 23.86 4.54
CA ASN B 101 31.67 22.74 4.20
C ASN B 101 32.56 23.11 3.00
N PHE B 102 32.15 24.04 2.14
CA PHE B 102 32.90 24.43 0.90
C PHE B 102 33.09 25.94 0.83
N PRO B 103 33.85 26.56 1.77
CA PRO B 103 33.99 28.03 1.80
C PRO B 103 34.64 28.73 0.59
N GLN B 104 35.50 28.08 -0.17
CA GLN B 104 36.17 28.74 -1.32
C GLN B 104 35.38 28.48 -2.62
N ILE B 105 34.19 27.90 -2.51
CA ILE B 105 33.36 27.49 -3.68
C ILE B 105 33.07 28.76 -4.48
N LYS B 106 32.90 28.67 -5.80
CA LYS B 106 32.52 29.85 -6.62
C LYS B 106 31.07 30.23 -6.31
N GLY B 107 30.24 29.25 -6.00
CA GLY B 107 28.84 29.53 -5.67
C GLY B 107 28.10 28.24 -5.42
N ILE B 108 26.98 28.35 -4.71
CA ILE B 108 26.00 27.24 -4.53
C ILE B 108 24.64 27.79 -4.92
N SER B 109 23.99 27.13 -5.88
CA SER B 109 22.60 27.45 -6.27
C SER B 109 21.72 26.25 -5.90
N ARG B 110 20.41 26.49 -5.97
CA ARG B 110 19.41 25.44 -5.70
CA ARG B 110 19.37 25.48 -5.67
C ARG B 110 18.58 25.23 -6.95
N PHE B 111 17.95 24.06 -7.04
CA PHE B 111 17.00 23.75 -8.11
C PHE B 111 15.88 22.90 -7.50
N GLU B 112 14.68 23.42 -7.56
CA GLU B 112 13.48 22.80 -6.93
C GLU B 112 13.39 21.35 -7.43
N GLU B 113 13.01 20.43 -6.54
CA GLU B 113 13.11 18.96 -6.72
C GLU B 113 12.28 18.51 -7.92
N MET B 114 11.02 18.93 -7.98
CA MET B 114 10.05 18.40 -8.98
C MET B 114 10.50 18.94 -10.32
N GLU B 115 10.90 20.23 -10.37
CA GLU B 115 11.41 20.85 -11.62
C GLU B 115 12.71 20.17 -12.07
N GLY B 116 13.61 19.91 -11.14
CA GLY B 116 14.79 19.08 -11.43
C GLY B 116 14.40 17.77 -12.08
N LEU B 117 13.44 17.04 -11.50
CA LEU B 117 13.11 15.67 -11.99
C LEU B 117 12.68 15.79 -13.45
N ILE B 118 11.84 16.77 -13.76
CA ILE B 118 11.19 16.84 -15.09
C ILE B 118 12.20 17.36 -16.12
N HIS B 119 13.02 18.36 -15.78
CA HIS B 119 14.06 18.87 -16.72
C HIS B 119 15.04 17.73 -17.02
N GLY B 120 15.40 16.95 -16.00
CA GLY B 120 16.30 15.80 -16.14
C GLY B 120 15.71 14.75 -17.04
N LEU B 121 14.43 14.41 -16.84
CA LEU B 121 13.76 13.34 -17.61
C LEU B 121 13.59 13.84 -19.05
N ASP B 122 13.14 15.08 -19.26
CA ASP B 122 12.96 15.68 -20.61
C ASP B 122 14.30 15.65 -21.37
N PHE B 123 15.40 15.97 -20.69
CA PHE B 123 16.78 15.90 -21.25
C PHE B 123 17.10 14.46 -21.71
N PHE B 124 16.90 13.46 -20.86
CA PHE B 124 17.22 12.05 -21.22
C PHE B 124 16.31 11.57 -22.36
N ILE B 125 15.04 11.96 -22.35
CA ILE B 125 14.08 11.52 -23.40
C ILE B 125 14.52 12.09 -24.76
N HIS B 126 14.81 13.40 -24.80
CA HIS B 126 15.02 14.18 -26.05
C HIS B 126 16.47 14.08 -26.53
N GLU B 127 17.46 13.85 -25.66
CA GLU B 127 18.89 14.11 -26.00
C GLU B 127 19.74 12.84 -26.02
N ILE B 128 19.40 11.80 -25.26
CA ILE B 128 20.35 10.68 -24.98
C ILE B 128 19.79 9.39 -25.53
N PRO B 129 20.49 8.77 -26.53
CA PRO B 129 20.03 7.52 -27.12
C PRO B 129 20.24 6.35 -26.14
N ASP B 130 19.50 5.25 -26.35
CA ASP B 130 19.63 3.99 -25.57
C ASP B 130 19.37 4.27 -24.08
N GLU B 131 18.51 5.23 -23.76
CA GLU B 131 18.26 5.68 -22.37
C GLU B 131 16.87 5.20 -21.92
N VAL B 132 15.88 5.28 -22.80
CA VAL B 132 14.47 4.92 -22.52
C VAL B 132 14.22 3.51 -23.04
N PHE B 133 13.63 2.65 -22.22
CA PHE B 133 13.33 1.26 -22.64
C PHE B 133 12.12 0.70 -21.89
N THR B 134 11.49 -0.26 -22.54
CA THR B 134 10.45 -1.15 -21.99
C THR B 134 11.16 -2.41 -21.56
N TYR B 135 10.63 -3.09 -20.55
CA TYR B 135 11.08 -4.46 -20.19
C TYR B 135 9.91 -5.30 -19.72
N ASN B 136 9.77 -6.53 -20.26
CA ASN B 136 8.98 -7.62 -19.65
C ASN B 136 9.68 -8.96 -19.91
N ASP B 137 9.31 -10.00 -19.16
CA ASP B 137 9.97 -11.32 -19.23
C ASP B 137 9.64 -11.94 -20.60
N GLN B 138 8.47 -11.64 -21.19
CA GLN B 138 8.09 -12.18 -22.52
C GLN B 138 9.08 -11.65 -23.58
N ASP B 139 9.01 -10.35 -23.87
CA ASP B 139 9.72 -9.67 -24.99
C ASP B 139 11.18 -9.29 -24.64
N GLY B 140 11.57 -9.31 -23.37
CA GLY B 140 12.84 -8.70 -22.92
C GLY B 140 12.84 -7.19 -23.12
N GLU B 141 14.03 -6.62 -23.28
CA GLU B 141 14.30 -5.16 -23.36
C GLU B 141 14.10 -4.67 -24.80
N ARG B 142 13.27 -3.64 -24.96
CA ARG B 142 13.16 -2.85 -26.21
C ARG B 142 13.58 -1.40 -25.88
N ILE B 143 14.64 -0.89 -26.52
CA ILE B 143 15.06 0.54 -26.48
C ILE B 143 14.02 1.34 -27.24
N ILE B 144 13.53 2.41 -26.64
CA ILE B 144 12.57 3.34 -27.29
C ILE B 144 13.41 4.48 -27.85
N PRO B 145 13.41 4.68 -29.20
CA PRO B 145 14.19 5.75 -29.82
C PRO B 145 13.54 7.12 -29.61
N THR B 146 13.42 7.58 -28.35
CA THR B 146 12.77 8.88 -28.00
C THR B 146 13.65 10.05 -28.49
N SER B 147 14.98 9.88 -28.51
CA SER B 147 15.95 10.95 -28.87
CA SER B 147 15.97 10.93 -28.87
C SER B 147 16.13 11.03 -30.39
N SER B 148 15.63 10.06 -31.16
CA SER B 148 15.72 10.06 -32.65
C SER B 148 14.86 11.19 -33.21
N ALA B 155 3.26 12.53 -29.10
CA ALA B 155 3.92 11.19 -29.11
C ALA B 155 4.60 10.92 -27.75
N ILE B 156 5.17 11.96 -27.13
CA ILE B 156 5.96 11.86 -25.86
C ILE B 156 5.09 12.36 -24.69
N TYR B 157 4.38 13.45 -24.92
CA TYR B 157 3.42 14.10 -23.99
C TYR B 157 1.99 13.61 -24.27
N PRO B 158 1.09 13.59 -23.27
CA PRO B 158 1.48 13.73 -21.87
C PRO B 158 2.10 12.45 -21.28
N TYR B 159 2.82 12.56 -20.16
CA TYR B 159 3.39 11.37 -19.46
C TYR B 159 3.24 11.57 -17.96
N LEU B 160 3.33 10.45 -17.22
CA LEU B 160 3.51 10.50 -15.75
C LEU B 160 4.93 10.09 -15.46
N LEU B 161 5.55 10.74 -14.46
CA LEU B 161 6.80 10.22 -13.89
C LEU B 161 6.44 9.69 -12.51
N VAL B 162 6.69 8.41 -12.29
CA VAL B 162 6.58 7.81 -10.94
C VAL B 162 7.99 7.71 -10.42
N ASN B 163 8.36 8.59 -9.50
CA ASN B 163 9.75 8.66 -9.00
C ASN B 163 9.80 7.89 -7.68
N ILE B 164 10.45 6.73 -7.68
CA ILE B 164 10.46 5.81 -6.52
C ILE B 164 11.79 5.96 -5.77
N GLY B 165 11.76 6.56 -4.60
CA GLY B 165 12.93 6.65 -3.72
C GLY B 165 12.57 6.09 -2.36
N SER B 166 12.76 6.87 -1.31
CA SER B 166 12.32 6.43 0.04
C SER B 166 10.80 6.26 -0.04
N GLY B 167 10.16 7.33 -0.53
CA GLY B 167 8.73 7.38 -0.87
C GLY B 167 8.51 7.38 -2.37
N VAL B 168 7.28 7.66 -2.79
CA VAL B 168 6.84 7.70 -4.21
C VAL B 168 6.26 9.09 -4.50
N SER B 169 6.83 9.82 -5.45
CA SER B 169 6.28 11.08 -5.98
C SER B 169 5.73 10.80 -7.38
N ILE B 170 4.53 11.27 -7.68
CA ILE B 170 3.96 11.09 -9.03
C ILE B 170 3.75 12.48 -9.66
N LEU B 171 4.36 12.71 -10.81
CA LEU B 171 4.31 13.99 -11.57
CA LEU B 171 4.26 13.99 -11.55
C LEU B 171 3.60 13.78 -12.90
N LYS B 172 2.76 14.73 -13.28
CA LYS B 172 2.03 14.78 -14.56
C LYS B 172 2.73 15.82 -15.42
N VAL B 173 3.10 15.50 -16.65
CA VAL B 173 3.79 16.46 -17.57
C VAL B 173 2.98 16.51 -18.86
N THR B 174 2.34 17.64 -19.14
CA THR B 174 1.45 17.85 -20.32
C THR B 174 2.23 18.50 -21.46
N GLU B 175 3.06 19.51 -21.16
CA GLU B 175 3.95 20.23 -22.12
C GLU B 175 5.38 20.26 -21.57
N PRO B 176 6.39 20.59 -22.40
CA PRO B 176 7.78 20.71 -21.94
C PRO B 176 8.03 21.45 -20.62
N ASN B 177 7.24 22.49 -20.30
CA ASN B 177 7.43 23.26 -19.04
C ASN B 177 6.13 23.34 -18.24
N ASN B 178 5.23 22.37 -18.41
CA ASN B 178 3.99 22.31 -17.60
C ASN B 178 3.93 20.93 -16.94
N PHE B 179 4.10 20.92 -15.62
CA PHE B 179 4.14 19.71 -14.77
C PHE B 179 3.58 20.08 -13.40
N SER B 180 2.99 19.12 -12.71
CA SER B 180 2.47 19.22 -11.31
C SER B 180 2.65 17.87 -10.63
N ARG B 181 2.76 17.87 -9.31
CA ARG B 181 2.79 16.66 -8.44
C ARG B 181 1.33 16.27 -8.18
N VAL B 182 0.86 15.17 -8.74
CA VAL B 182 -0.58 14.78 -8.66
C VAL B 182 -0.79 13.85 -7.47
N GLY B 183 0.27 13.28 -6.93
CA GLY B 183 0.07 12.18 -5.99
C GLY B 183 1.38 11.63 -5.54
N GLY B 184 1.28 10.67 -4.65
CA GLY B 184 2.44 10.08 -3.98
C GLY B 184 1.98 8.97 -3.10
N SER B 185 2.93 8.25 -2.53
CA SER B 185 2.71 7.17 -1.55
C SER B 185 3.91 7.15 -0.62
N SER B 186 3.68 6.90 0.67
CA SER B 186 4.74 6.58 1.67
C SER B 186 5.26 5.14 1.55
N LEU B 187 4.65 4.27 0.72
CA LEU B 187 5.05 2.86 0.49
C LEU B 187 6.01 2.79 -0.71
N GLY B 188 7.27 3.16 -0.50
CA GLY B 188 8.28 3.16 -1.57
C GLY B 188 9.43 2.24 -1.25
N GLY B 189 10.57 2.49 -1.88
CA GLY B 189 11.83 1.77 -1.69
C GLY B 189 12.21 1.71 -0.22
N GLY B 190 12.05 2.82 0.51
CA GLY B 190 12.36 2.86 1.95
C GLY B 190 11.58 1.81 2.74
N THR B 191 10.34 1.59 2.35
CA THR B 191 9.44 0.63 3.02
C THR B 191 9.94 -0.78 2.74
N LEU B 192 10.18 -1.08 1.47
CA LEU B 192 10.68 -2.41 1.07
C LEU B 192 11.98 -2.65 1.82
N TRP B 193 12.95 -1.75 1.70
CA TRP B 193 14.34 -1.92 2.24
C TRP B 193 14.27 -2.07 3.77
N GLY B 194 13.43 -1.25 4.39
CA GLY B 194 13.24 -1.22 5.84
C GLY B 194 12.65 -2.51 6.35
N LEU B 195 11.60 -3.02 5.71
CA LEU B 195 10.90 -4.25 6.18
C LEU B 195 11.84 -5.44 6.00
N LEU B 196 12.47 -5.56 4.84
CA LEU B 196 13.26 -6.78 4.50
C LEU B 196 14.53 -6.81 5.35
N SER B 197 15.13 -5.64 5.64
CA SER B 197 16.30 -5.47 6.53
C SER B 197 15.94 -5.96 7.93
N LEU B 198 14.87 -5.44 8.51
CA LEU B 198 14.45 -5.80 9.88
C LEU B 198 14.10 -7.29 9.95
N ILE B 199 13.36 -7.79 8.96
CA ILE B 199 12.82 -9.18 8.99
C ILE B 199 13.95 -10.17 8.71
N THR B 200 14.75 -9.94 7.66
CA THR B 200 15.65 -10.98 7.11
C THR B 200 17.09 -10.79 7.56
N GLY B 201 17.43 -9.58 8.02
CA GLY B 201 18.80 -9.19 8.37
C GLY B 201 19.64 -8.90 7.13
N ALA B 202 19.08 -8.89 5.93
CA ALA B 202 19.82 -8.58 4.67
C ALA B 202 20.41 -7.19 4.79
N GLN B 203 21.67 -6.99 4.40
CA GLN B 203 22.40 -5.71 4.64
C GLN B 203 22.43 -4.87 3.36
N THR B 204 22.16 -5.46 2.20
CA THR B 204 22.25 -4.80 0.86
C THR B 204 20.93 -5.00 0.11
N TYR B 205 20.51 -4.02 -0.68
CA TYR B 205 19.32 -4.16 -1.55
C TYR B 205 19.60 -5.32 -2.52
N ASP B 206 20.87 -5.53 -2.91
CA ASP B 206 21.22 -6.63 -3.85
C ASP B 206 21.00 -8.00 -3.20
N GLN B 207 21.31 -8.18 -1.91
CA GLN B 207 21.01 -9.47 -1.25
C GLN B 207 19.49 -9.66 -1.24
N MET B 208 18.72 -8.58 -1.01
CA MET B 208 17.23 -8.63 -0.94
C MET B 208 16.73 -9.08 -2.31
N LEU B 209 17.26 -8.47 -3.35
CA LEU B 209 16.91 -8.77 -4.76
C LEU B 209 17.32 -10.21 -5.12
N ASP B 210 18.52 -10.66 -4.76
CA ASP B 210 18.98 -12.04 -5.11
C ASP B 210 18.04 -13.03 -4.41
N TRP B 211 17.73 -12.79 -3.14
CA TRP B 211 16.78 -13.63 -2.36
C TRP B 211 15.41 -13.66 -3.04
N ALA B 212 14.83 -12.50 -3.38
CA ALA B 212 13.50 -12.39 -4.01
C ALA B 212 13.48 -13.21 -5.31
N GLN B 213 14.57 -13.17 -6.06
CA GLN B 213 14.70 -13.85 -7.38
C GLN B 213 14.40 -15.35 -7.24
N GLU B 214 14.91 -16.05 -6.23
CA GLU B 214 14.67 -17.50 -6.04
C GLU B 214 13.46 -17.77 -5.14
N GLY B 215 12.82 -16.73 -4.60
CA GLY B 215 11.72 -16.86 -3.63
C GLY B 215 10.47 -17.49 -4.24
N ASP B 216 9.64 -18.08 -3.39
CA ASP B 216 8.23 -18.44 -3.66
C ASP B 216 7.34 -17.68 -2.68
N ASN B 217 6.69 -16.60 -3.11
CA ASN B 217 5.82 -15.77 -2.23
C ASN B 217 4.61 -16.57 -1.74
N SER B 218 4.27 -17.70 -2.36
CA SER B 218 3.07 -18.51 -2.02
C SER B 218 3.16 -19.03 -0.58
N SER B 219 4.34 -19.09 0.04
CA SER B 219 4.50 -19.61 1.42
C SER B 219 4.04 -18.58 2.45
N VAL B 220 4.06 -17.29 2.12
CA VAL B 220 3.65 -16.20 3.06
C VAL B 220 2.40 -15.45 2.55
N ASP B 221 2.08 -15.52 1.26
CA ASP B 221 0.92 -14.82 0.68
C ASP B 221 -0.29 -15.74 0.57
N MET B 222 -1.49 -15.21 0.81
CA MET B 222 -2.77 -15.90 0.44
C MET B 222 -3.00 -15.62 -1.03
N LEU B 223 -3.01 -16.66 -1.86
CA LEU B 223 -3.31 -16.55 -3.30
C LEU B 223 -4.81 -16.81 -3.49
N VAL B 224 -5.34 -16.39 -4.62
CA VAL B 224 -6.77 -16.56 -5.00
C VAL B 224 -7.14 -18.04 -4.77
N GLY B 225 -6.31 -18.97 -5.27
CA GLY B 225 -6.47 -20.42 -5.10
C GLY B 225 -6.61 -20.85 -3.65
N ASP B 226 -5.83 -20.24 -2.74
CA ASP B 226 -5.83 -20.55 -1.30
C ASP B 226 -7.18 -20.18 -0.66
N ILE B 227 -7.81 -19.08 -1.09
CA ILE B 227 -9.12 -18.64 -0.53
C ILE B 227 -10.25 -19.44 -1.18
N TYR B 228 -10.22 -19.65 -2.51
CA TYR B 228 -11.33 -20.21 -3.32
C TYR B 228 -11.15 -21.71 -3.57
N GLY B 229 -10.11 -22.08 -4.34
CA GLY B 229 -9.83 -23.45 -4.82
C GLY B 229 -10.36 -23.67 -6.23
N LYS B 238 -7.04 -15.76 -11.85
CA LYS B 238 -5.77 -16.52 -12.02
C LYS B 238 -5.38 -17.06 -10.66
N SER B 239 -5.02 -18.35 -10.59
CA SER B 239 -4.85 -19.08 -9.31
C SER B 239 -3.72 -18.44 -8.49
N SER B 240 -2.65 -18.00 -9.18
CA SER B 240 -1.39 -17.43 -8.64
C SER B 240 -1.49 -15.93 -8.29
N ALA B 241 -2.60 -15.27 -8.63
CA ALA B 241 -2.92 -13.89 -8.20
C ALA B 241 -2.90 -13.80 -6.67
N ILE B 242 -2.37 -12.70 -6.13
CA ILE B 242 -2.20 -12.52 -4.67
C ILE B 242 -3.47 -11.87 -4.13
N ALA B 243 -4.20 -12.56 -3.26
CA ALA B 243 -5.36 -12.02 -2.54
C ALA B 243 -4.90 -11.21 -1.32
N SER B 244 -3.89 -11.66 -0.58
CA SER B 244 -3.40 -10.96 0.63
C SER B 244 -1.89 -11.15 0.75
N SER B 245 -1.12 -10.10 0.48
CA SER B 245 0.34 -10.10 0.72
C SER B 245 0.62 -10.37 2.21
N PHE B 246 1.49 -11.36 2.49
CA PHE B 246 1.87 -11.79 3.85
C PHE B 246 0.65 -12.28 4.65
N GLY B 247 -0.45 -12.62 3.98
CA GLY B 247 -1.71 -13.03 4.62
C GLY B 247 -1.62 -14.42 5.25
N LYS B 248 -0.63 -15.25 4.92
CA LYS B 248 -0.51 -16.61 5.53
C LYS B 248 0.28 -16.54 6.83
N VAL B 249 0.98 -15.44 7.10
CA VAL B 249 1.94 -15.36 8.22
C VAL B 249 1.18 -15.37 9.55
N PHE B 250 0.15 -14.54 9.76
CA PHE B 250 -0.52 -14.39 11.09
C PHE B 250 -1.12 -15.74 11.52
N GLN B 251 -1.78 -16.44 10.59
CA GLN B 251 -2.29 -17.83 10.79
C GLN B 251 -1.25 -18.70 11.51
N TYR B 268 -2.01 -14.23 35.16
CA TYR B 268 -0.54 -14.48 35.25
C TYR B 268 -0.23 -15.81 34.56
N SER B 269 1.06 -16.16 34.46
CA SER B 269 1.55 -17.36 33.73
C SER B 269 1.00 -18.61 34.45
N SER B 270 0.30 -19.49 33.71
CA SER B 270 -0.31 -20.75 34.23
C SER B 270 -0.17 -21.92 33.24
N HIS B 271 0.27 -21.67 32.00
CA HIS B 271 0.34 -22.62 30.85
C HIS B 271 1.77 -22.65 30.28
N GLU B 272 2.00 -23.51 29.27
CA GLU B 272 3.30 -23.58 28.53
C GLU B 272 3.56 -22.22 27.87
N SER B 273 4.83 -21.87 27.64
CA SER B 273 5.24 -20.60 27.00
C SER B 273 4.76 -20.57 25.53
N ILE B 274 4.12 -19.48 25.11
CA ILE B 274 3.59 -19.29 23.73
C ILE B 274 4.75 -19.20 22.71
N GLU B 275 5.74 -20.11 22.84
CA GLU B 275 7.03 -20.12 22.10
C GLU B 275 6.83 -20.79 20.74
N LYS B 276 5.79 -21.61 20.57
CA LYS B 276 5.42 -22.26 19.27
C LYS B 276 5.14 -21.17 18.23
N ASN B 277 4.44 -20.10 18.64
CA ASN B 277 4.20 -18.87 17.84
C ASN B 277 5.52 -18.17 17.54
N ASN B 278 6.20 -17.64 18.57
CA ASN B 278 7.48 -16.89 18.45
C ASN B 278 8.49 -17.67 17.59
N GLY B 279 8.37 -19.00 17.59
CA GLY B 279 9.32 -19.94 16.94
C GLY B 279 8.93 -20.30 15.52
N GLN B 280 7.73 -19.93 15.06
CA GLN B 280 7.27 -20.17 13.66
C GLN B 280 8.25 -19.51 12.66
N MET B 281 8.68 -20.24 11.63
CA MET B 281 9.75 -19.80 10.71
C MET B 281 9.24 -19.66 9.27
N PHE B 282 9.81 -18.70 8.57
CA PHE B 282 9.48 -18.30 7.18
C PHE B 282 10.78 -18.11 6.41
N LYS B 283 10.79 -18.52 5.14
CA LYS B 283 11.97 -18.43 4.28
C LYS B 283 12.25 -16.98 3.85
N ASN B 284 13.50 -16.55 4.00
CA ASN B 284 13.99 -15.22 3.62
C ASN B 284 13.70 -14.95 2.15
N PRO B 285 14.02 -15.87 1.21
CA PRO B 285 13.76 -15.63 -0.22
C PRO B 285 12.26 -15.41 -0.48
N ASP B 286 11.42 -16.15 0.22
CA ASP B 286 9.95 -16.09 0.05
C ASP B 286 9.45 -14.74 0.57
N ILE B 287 9.96 -14.28 1.71
CA ILE B 287 9.58 -12.98 2.32
C ILE B 287 9.99 -11.86 1.36
N CYS B 288 11.19 -11.97 0.78
CA CYS B 288 11.75 -10.96 -0.16
C CYS B 288 10.87 -10.89 -1.41
N LYS B 289 10.50 -12.03 -1.98
CA LYS B 289 9.62 -12.02 -3.17
C LYS B 289 8.24 -11.44 -2.82
N SER B 290 7.61 -11.86 -1.72
CA SER B 290 6.30 -11.35 -1.26
C SER B 290 6.31 -9.82 -1.21
N LEU B 291 7.26 -9.25 -0.45
CA LEU B 291 7.23 -7.80 -0.16
C LEU B 291 7.68 -7.03 -1.40
N LEU B 292 8.58 -7.59 -2.21
CA LEU B 292 8.92 -6.96 -3.52
C LEU B 292 7.64 -6.88 -4.38
N PHE B 293 6.87 -7.95 -4.44
CA PHE B 293 5.60 -7.95 -5.23
C PHE B 293 4.60 -6.98 -4.59
N ALA B 294 4.44 -7.00 -3.28
CA ALA B 294 3.46 -6.17 -2.55
C ALA B 294 3.74 -4.70 -2.87
N ILE B 295 4.98 -4.24 -2.63
CA ILE B 295 5.36 -2.82 -2.84
C ILE B 295 5.29 -2.48 -4.32
N SER B 296 5.86 -3.31 -5.18
CA SER B 296 5.87 -3.04 -6.64
C SER B 296 4.46 -3.03 -7.22
N ASN B 297 3.62 -4.03 -6.90
CA ASN B 297 2.25 -4.11 -7.46
C ASN B 297 1.45 -2.89 -7.02
N ASN B 298 1.65 -2.46 -5.78
CA ASN B 298 0.88 -1.34 -5.20
C ASN B 298 1.27 -0.06 -5.96
N ILE B 299 2.57 0.17 -6.17
CA ILE B 299 3.06 1.36 -6.90
C ILE B 299 2.46 1.31 -8.31
N GLY B 300 2.53 0.15 -8.94
CA GLY B 300 1.97 -0.07 -10.28
C GLY B 300 0.51 0.30 -10.33
N GLN B 301 -0.27 -0.10 -9.32
CA GLN B 301 -1.72 0.11 -9.32
C GLN B 301 -1.99 1.61 -9.14
N ILE B 302 -1.34 2.26 -8.19
CA ILE B 302 -1.54 3.71 -7.95
C ILE B 302 -1.13 4.48 -9.22
N ALA B 303 -0.03 4.11 -9.86
CA ALA B 303 0.46 4.76 -11.11
C ALA B 303 -0.61 4.58 -12.20
N TYR B 304 -1.21 3.40 -12.29
CA TYR B 304 -2.26 3.11 -13.29
C TYR B 304 -3.50 3.96 -12.98
N LEU B 305 -3.88 4.06 -11.73
CA LEU B 305 -5.12 4.81 -11.37
C LEU B 305 -4.90 6.30 -11.68
N GLN B 306 -3.72 6.87 -11.36
CA GLN B 306 -3.39 8.30 -11.61
C GLN B 306 -3.41 8.54 -13.13
N ALA B 307 -2.81 7.63 -13.90
CA ALA B 307 -2.79 7.64 -15.38
C ALA B 307 -4.22 7.60 -15.93
N LYS B 308 -5.09 6.81 -15.31
CA LYS B 308 -6.51 6.71 -15.70
C LYS B 308 -7.22 8.06 -15.46
N ILE B 309 -7.09 8.65 -14.27
CA ILE B 309 -7.71 9.95 -13.89
C ILE B 309 -7.21 11.04 -14.86
N ASN B 310 -5.95 10.97 -15.28
CA ASN B 310 -5.31 12.07 -16.03
C ASN B 310 -5.29 11.77 -17.52
N ASN B 311 -5.90 10.68 -17.96
CA ASN B 311 -5.96 10.25 -19.39
C ASN B 311 -4.54 10.22 -19.96
N ILE B 312 -3.62 9.52 -19.30
CA ILE B 312 -2.20 9.42 -19.72
C ILE B 312 -1.91 7.96 -20.08
N GLN B 313 -1.19 7.76 -21.19
CA GLN B 313 -0.85 6.42 -21.74
C GLN B 313 0.57 6.05 -21.31
N ASN B 314 1.47 7.04 -21.18
CA ASN B 314 2.92 6.86 -20.98
C ASN B 314 3.32 7.07 -19.51
N ILE B 315 3.85 6.04 -18.86
CA ILE B 315 4.27 6.10 -17.42
C ILE B 315 5.76 5.76 -17.34
N TYR B 316 6.55 6.74 -16.93
CA TYR B 316 8.01 6.59 -16.68
C TYR B 316 8.22 6.25 -15.21
N PHE B 317 9.03 5.21 -14.94
CA PHE B 317 9.50 4.84 -13.59
C PHE B 317 10.89 5.44 -13.38
N GLY B 318 11.02 6.28 -12.36
CA GLY B 318 12.28 6.94 -12.02
C GLY B 318 12.72 6.60 -10.60
N GLY B 319 13.93 7.00 -10.24
CA GLY B 319 14.46 6.86 -8.88
C GLY B 319 15.42 5.70 -8.79
N SER B 320 15.68 5.21 -7.59
CA SER B 320 16.74 4.21 -7.29
C SER B 320 16.11 2.85 -6.96
N TYR B 321 14.89 2.59 -7.43
CA TYR B 321 14.10 1.41 -7.01
C TYR B 321 14.29 0.21 -7.94
N THR B 322 14.17 0.34 -9.26
CA THR B 322 14.22 -0.86 -10.15
C THR B 322 15.66 -1.39 -10.18
N ARG B 323 16.66 -0.49 -10.22
CA ARG B 323 18.11 -0.81 -10.26
C ARG B 323 18.44 -1.72 -11.45
N GLY B 324 17.69 -1.66 -12.55
CA GLY B 324 17.86 -2.57 -13.70
C GLY B 324 17.53 -4.02 -13.39
N HIS B 325 16.85 -4.31 -12.29
CA HIS B 325 16.48 -5.69 -11.87
C HIS B 325 15.28 -6.14 -12.70
N LEU B 326 15.44 -7.20 -13.50
CA LEU B 326 14.43 -7.66 -14.48
C LEU B 326 13.12 -7.99 -13.75
N THR B 327 13.18 -8.61 -12.58
CA THR B 327 11.96 -9.05 -11.86
C THR B 327 11.18 -7.82 -11.40
N THR B 328 11.86 -6.80 -10.84
CA THR B 328 11.17 -5.55 -10.43
C THR B 328 10.55 -4.91 -11.66
N MET B 329 11.32 -4.75 -12.74
CA MET B 329 10.80 -4.09 -13.95
C MET B 329 9.62 -4.90 -14.50
N ASN B 330 9.74 -6.22 -14.57
CA ASN B 330 8.63 -7.07 -15.07
C ASN B 330 7.39 -6.83 -14.21
N THR B 331 7.58 -6.72 -12.90
CA THR B 331 6.45 -6.57 -11.95
C THR B 331 5.75 -5.24 -12.22
N LEU B 332 6.51 -4.15 -12.37
CA LEU B 332 5.89 -2.82 -12.58
C LEU B 332 5.26 -2.75 -13.96
N SER B 333 5.93 -3.29 -14.97
CA SER B 333 5.42 -3.33 -16.38
CA SER B 333 5.43 -3.32 -16.38
C SER B 333 4.13 -4.14 -16.45
N TYR B 334 4.14 -5.34 -15.86
CA TYR B 334 2.95 -6.25 -15.84
C TYR B 334 1.77 -5.56 -15.14
N ALA B 335 1.99 -4.88 -14.00
CA ALA B 335 0.90 -4.20 -13.27
C ALA B 335 0.20 -3.18 -14.18
N ILE B 336 0.97 -2.36 -14.91
CA ILE B 336 0.47 -1.31 -15.86
C ILE B 336 -0.24 -2.00 -17.04
N ASN B 337 0.38 -3.02 -17.62
CA ASN B 337 -0.19 -3.86 -18.69
C ASN B 337 -1.49 -4.52 -18.19
N PHE B 338 -1.49 -5.14 -17.01
CA PHE B 338 -2.65 -5.91 -16.49
C PHE B 338 -3.87 -4.98 -16.30
N TRP B 339 -3.70 -3.89 -15.57
CA TRP B 339 -4.83 -2.99 -15.22
C TRP B 339 -5.40 -2.30 -16.46
N SER B 340 -4.57 -1.98 -17.45
CA SER B 340 -4.94 -1.17 -18.63
C SER B 340 -5.32 -2.09 -19.81
N GLN B 341 -5.15 -3.41 -19.66
CA GLN B 341 -5.25 -4.41 -20.76
C GLN B 341 -4.37 -3.94 -21.93
N GLY B 342 -3.14 -3.59 -21.59
CA GLY B 342 -2.10 -3.19 -22.56
C GLY B 342 -2.36 -1.84 -23.22
N SER B 343 -3.31 -1.02 -22.77
CA SER B 343 -3.59 0.32 -23.38
C SER B 343 -2.65 1.42 -22.82
N LYS B 344 -1.85 1.09 -21.80
CA LYS B 344 -0.85 2.02 -21.21
C LYS B 344 0.45 1.26 -21.17
N GLN B 345 1.58 1.98 -21.05
CA GLN B 345 2.95 1.46 -21.23
C GLN B 345 3.84 1.97 -20.08
N ALA B 346 4.58 1.08 -19.44
CA ALA B 346 5.63 1.36 -18.45
C ALA B 346 6.94 1.58 -19.22
N PHE B 347 7.65 2.66 -18.90
CA PHE B 347 8.99 2.97 -19.46
C PHE B 347 9.99 3.09 -18.30
N PHE B 348 11.19 2.55 -18.53
CA PHE B 348 12.33 2.57 -17.61
C PHE B 348 13.48 3.39 -18.23
N LEU B 349 14.41 3.78 -17.36
CA LEU B 349 15.48 4.77 -17.63
C LEU B 349 16.82 4.22 -17.15
N LYS B 350 17.81 4.19 -18.04
CA LYS B 350 19.17 3.70 -17.72
C LYS B 350 19.76 4.54 -16.58
N HIS B 351 19.41 5.83 -16.49
CA HIS B 351 19.90 6.78 -15.45
C HIS B 351 18.74 7.21 -14.55
N GLU B 352 17.82 6.29 -14.28
CA GLU B 352 16.60 6.50 -13.48
C GLU B 352 16.93 7.27 -12.20
N GLY B 353 18.05 7.01 -11.54
CA GLY B 353 18.42 7.62 -10.24
C GLY B 353 18.84 9.08 -10.36
N TYR B 354 19.12 9.53 -11.58
CA TYR B 354 19.88 10.80 -11.81
C TYR B 354 19.01 11.87 -12.46
N LEU B 355 17.69 11.72 -12.44
CA LEU B 355 16.77 12.66 -13.13
C LEU B 355 16.91 14.04 -12.49
N GLY B 356 16.85 14.09 -11.15
CA GLY B 356 16.90 15.36 -10.40
C GLY B 356 18.25 16.06 -10.56
N ALA B 357 19.33 15.32 -10.34
CA ALA B 357 20.70 15.84 -10.44
C ALA B 357 20.93 16.35 -11.86
N MET B 358 20.41 15.64 -12.87
CA MET B 358 20.60 15.99 -14.29
C MET B 358 19.91 17.33 -14.56
N GLY B 359 18.69 17.52 -14.05
CA GLY B 359 17.93 18.78 -14.22
C GLY B 359 18.65 19.94 -13.56
N ALA B 360 19.20 19.69 -12.38
CA ALA B 360 19.98 20.65 -11.58
C ALA B 360 21.25 21.06 -12.33
N PHE B 361 21.95 20.08 -12.92
CA PHE B 361 23.17 20.33 -13.71
C PHE B 361 22.86 21.28 -14.88
N LEU B 362 21.82 20.98 -15.67
CA LEU B 362 21.38 21.80 -16.82
C LEU B 362 20.99 23.21 -16.38
N SER B 363 20.48 23.39 -15.15
CA SER B 363 20.08 24.71 -14.63
C SER B 363 21.27 25.67 -14.49
N ALA B 364 22.50 25.18 -14.40
CA ALA B 364 23.72 26.02 -14.25
C ALA B 364 23.96 26.84 -15.53
N SER B 365 23.33 26.44 -16.64
CA SER B 365 23.42 26.95 -18.03
C SER B 365 24.56 26.23 -18.77
#